data_3A8Q
#
_entry.id   3A8Q
#
_cell.length_a   105.560
_cell.length_b   105.560
_cell.length_c   287.580
_cell.angle_alpha   90.00
_cell.angle_beta   90.00
_cell.angle_gamma   90.00
#
_symmetry.space_group_name_H-M   'P 43 21 2'
#
_entity_poly.entity_id   1
_entity_poly.type   'polypeptide(L)'
_entity_poly.pdbx_seq_one_letter_code
;GPLGSKEQGVVRKAGWLFFKPLVTLQKERKLELVARRKWKQYWVTLKGCTLLFYETYGKNSTEQNSAPRCALFAEDSIVQ
SVPEHPKKEHVFCLSNSCGDVYLFQATSQTDLENWVTAIHSACASLFAKKHGKEDTVRLLKSQTRSLLQKIDMDSKMKKM
AELQLSVVSDPKNRKAIENQIRQWEQNLEKFHMDLFRMRCYLASLQGGELPNPKSLLAATSRPSKLALGRLGVLSVSSFH
ALVCSRDDSTLRKRTLSLTQRGK
;
_entity_poly.pdbx_strand_id   A,B,C,D
#
# COMPACT_ATOMS: atom_id res chain seq x y z
N VAL A 10 -21.44 -2.64 -20.54
CA VAL A 10 -20.96 -2.19 -21.87
C VAL A 10 -20.49 -3.38 -22.72
N VAL A 11 -20.92 -3.44 -23.98
CA VAL A 11 -20.52 -4.53 -24.86
C VAL A 11 -19.56 -4.07 -25.95
N ARG A 12 -18.40 -4.72 -25.96
CA ARG A 12 -17.30 -4.40 -26.87
C ARG A 12 -17.24 -5.26 -28.14
N LYS A 13 -17.65 -6.52 -28.04
CA LYS A 13 -17.62 -7.45 -29.18
C LYS A 13 -18.74 -8.48 -29.06
N ALA A 14 -19.03 -9.16 -30.17
CA ALA A 14 -20.06 -10.20 -30.23
C ALA A 14 -20.05 -10.87 -31.59
N GLY A 15 -20.04 -12.19 -31.62
CA GLY A 15 -20.00 -12.93 -32.88
C GLY A 15 -19.94 -14.44 -32.75
N TRP A 16 -19.89 -15.13 -33.88
CA TRP A 16 -19.86 -16.58 -33.85
C TRP A 16 -18.46 -17.16 -33.68
N LEU A 17 -18.33 -18.09 -32.72
CA LEU A 17 -17.07 -18.75 -32.42
C LEU A 17 -17.33 -20.21 -32.11
N PHE A 18 -16.27 -21.02 -32.12
CA PHE A 18 -16.38 -22.42 -31.78
C PHE A 18 -15.73 -22.57 -30.42
N PHE A 19 -16.32 -23.37 -29.54
CA PHE A 19 -15.79 -23.55 -28.18
C PHE A 19 -15.25 -24.95 -27.92
N LYS A 20 -14.61 -25.13 -26.76
CA LYS A 20 -14.04 -26.43 -26.38
C LYS A 20 -13.06 -26.22 -25.23
N PRO A 21 -13.55 -26.21 -23.97
CA PRO A 21 -12.69 -26.02 -22.79
C PRO A 21 -11.55 -27.04 -22.72
N LEU A 22 -10.31 -26.56 -22.70
CA LEU A 22 -9.13 -27.43 -22.70
C LEU A 22 -8.58 -27.90 -21.35
N VAL A 23 -8.59 -27.05 -20.33
CA VAL A 23 -8.09 -27.45 -19.02
C VAL A 23 -8.79 -26.77 -17.86
N THR A 24 -9.25 -27.59 -16.93
CA THR A 24 -9.94 -27.08 -15.76
C THR A 24 -9.19 -27.48 -14.50
N LEU A 25 -9.30 -26.63 -13.48
CA LEU A 25 -8.65 -26.88 -12.20
C LEU A 25 -9.59 -27.72 -11.34
N GLN A 26 -9.43 -29.04 -11.41
CA GLN A 26 -10.28 -29.97 -10.66
C GLN A 26 -10.02 -29.85 -9.17
N LYS A 27 -10.94 -30.40 -8.38
CA LYS A 27 -10.83 -30.39 -6.93
C LYS A 27 -9.40 -30.63 -6.44
N GLU A 28 -9.00 -29.89 -5.41
CA GLU A 28 -7.67 -30.02 -4.81
C GLU A 28 -6.53 -29.48 -5.68
N ARG A 29 -6.75 -28.34 -6.33
CA ARG A 29 -5.75 -27.72 -7.20
C ARG A 29 -4.97 -28.76 -8.03
N LYS A 30 -5.72 -29.45 -8.89
CA LYS A 30 -5.17 -30.48 -9.78
C LYS A 30 -5.70 -30.22 -11.18
N LEU A 31 -4.90 -29.53 -11.99
CA LEU A 31 -5.30 -29.21 -13.36
C LEU A 31 -5.58 -30.48 -14.17
N GLU A 32 -6.75 -30.53 -14.81
CA GLU A 32 -7.10 -31.69 -15.61
C GLU A 32 -7.26 -31.40 -17.09
N LEU A 33 -6.85 -32.36 -17.90
CA LEU A 33 -6.93 -32.25 -19.35
C LEU A 33 -8.39 -32.20 -19.87
N VAL A 34 -9.35 -32.30 -18.95
CA VAL A 34 -10.80 -32.25 -19.23
C VAL A 34 -11.38 -33.25 -20.25
N ALA A 35 -12.62 -33.67 -19.98
CA ALA A 35 -13.35 -34.62 -20.81
C ALA A 35 -13.33 -34.22 -22.28
N ARG A 36 -12.40 -34.79 -23.03
CA ARG A 36 -12.22 -34.52 -24.47
C ARG A 36 -13.50 -34.38 -25.31
N ARG A 37 -14.22 -33.27 -25.08
CA ARG A 37 -15.46 -32.93 -25.80
C ARG A 37 -15.15 -32.61 -27.27
N LYS A 38 -16.04 -31.87 -27.92
CA LYS A 38 -15.84 -31.52 -29.33
C LYS A 38 -16.28 -30.10 -29.66
N TRP A 39 -15.69 -29.54 -30.72
CA TRP A 39 -16.00 -28.18 -31.12
C TRP A 39 -17.49 -27.97 -31.36
N LYS A 40 -18.02 -26.87 -30.83
CA LYS A 40 -19.43 -26.55 -30.98
C LYS A 40 -19.67 -25.05 -30.99
N GLN A 41 -20.16 -24.52 -32.12
CA GLN A 41 -20.43 -23.09 -32.27
C GLN A 41 -21.15 -22.40 -31.09
N TYR A 42 -21.15 -21.07 -31.13
CA TYR A 42 -21.79 -20.26 -30.09
C TYR A 42 -21.75 -18.79 -30.46
N TRP A 43 -22.89 -18.12 -30.29
CA TRP A 43 -22.94 -16.69 -30.54
C TRP A 43 -22.44 -16.11 -29.23
N VAL A 44 -21.19 -15.67 -29.20
CA VAL A 44 -20.60 -15.12 -27.99
C VAL A 44 -20.59 -13.60 -27.91
N THR A 45 -20.78 -13.07 -26.72
CA THR A 45 -20.80 -11.62 -26.53
C THR A 45 -20.00 -11.16 -25.33
N LEU A 46 -19.03 -10.31 -25.60
CA LEU A 46 -18.19 -9.77 -24.55
C LEU A 46 -18.84 -8.52 -24.02
N LYS A 47 -19.49 -8.66 -22.88
CA LYS A 47 -20.12 -7.53 -22.23
C LYS A 47 -19.24 -7.25 -21.02
N GLY A 48 -18.75 -6.02 -20.92
CA GLY A 48 -17.89 -5.67 -19.80
C GLY A 48 -16.63 -6.50 -19.78
N CYS A 49 -16.64 -7.57 -19.00
CA CYS A 49 -15.50 -8.46 -18.88
C CYS A 49 -15.99 -9.91 -18.69
N THR A 50 -17.15 -10.20 -19.28
CA THR A 50 -17.75 -11.53 -19.19
C THR A 50 -18.24 -12.04 -20.54
N LEU A 51 -17.94 -13.29 -20.80
CA LEU A 51 -18.32 -13.90 -22.06
C LEU A 51 -19.57 -14.74 -21.97
N LEU A 52 -20.66 -14.20 -22.48
CA LEU A 52 -21.94 -14.89 -22.48
C LEU A 52 -22.10 -15.71 -23.78
N PHE A 53 -22.48 -16.98 -23.64
CA PHE A 53 -22.66 -17.83 -24.81
C PHE A 53 -24.14 -18.09 -25.08
N TYR A 54 -24.49 -18.15 -26.35
CA TYR A 54 -25.87 -18.41 -26.72
C TYR A 54 -25.90 -19.51 -27.76
N GLU A 55 -26.96 -20.31 -27.77
CA GLU A 55 -27.08 -21.42 -28.71
C GLU A 55 -27.69 -20.98 -30.04
N THR A 56 -28.53 -19.95 -30.00
CA THR A 56 -29.19 -19.43 -31.19
C THR A 56 -28.97 -17.92 -31.36
N TYR A 57 -28.78 -17.49 -32.60
CA TYR A 57 -28.56 -16.08 -32.95
C TYR A 57 -29.23 -15.09 -31.99
N SER A 66 -32.97 -16.75 -26.17
CA SER A 66 -32.46 -15.55 -25.50
C SER A 66 -31.90 -15.89 -24.12
N ALA A 67 -31.63 -17.16 -23.89
CA ALA A 67 -31.08 -17.62 -22.62
C ALA A 67 -29.62 -18.07 -22.76
N PRO A 68 -28.71 -17.46 -21.97
CA PRO A 68 -27.28 -17.80 -22.01
C PRO A 68 -26.99 -19.26 -21.65
N ARG A 69 -26.61 -20.08 -22.63
CA ARG A 69 -26.30 -21.49 -22.36
C ARG A 69 -25.31 -21.60 -21.19
N CYS A 70 -24.32 -20.70 -21.19
CA CYS A 70 -23.29 -20.63 -20.15
C CYS A 70 -22.49 -19.34 -20.26
N ALA A 71 -22.12 -18.78 -19.12
CA ALA A 71 -21.34 -17.55 -19.08
C ALA A 71 -19.88 -17.84 -18.72
N LEU A 72 -19.01 -16.84 -18.87
CA LEU A 72 -17.60 -17.02 -18.58
C LEU A 72 -16.94 -15.69 -18.26
N PHE A 73 -16.46 -15.58 -17.03
CA PHE A 73 -15.80 -14.37 -16.55
C PHE A 73 -14.34 -14.45 -16.91
N ALA A 74 -13.78 -13.35 -17.41
CA ALA A 74 -12.38 -13.33 -17.84
C ALA A 74 -11.51 -12.22 -17.31
N GLU A 75 -11.75 -11.79 -16.07
CA GLU A 75 -10.92 -10.74 -15.50
C GLU A 75 -9.49 -11.25 -15.43
N ASP A 76 -8.55 -10.36 -15.70
CA ASP A 76 -7.13 -10.71 -15.65
C ASP A 76 -6.82 -12.02 -16.35
N SER A 77 -7.28 -12.15 -17.59
CA SER A 77 -7.06 -13.36 -18.40
C SER A 77 -5.94 -13.12 -19.41
N ILE A 78 -5.50 -14.20 -20.04
CA ILE A 78 -4.46 -14.11 -21.05
C ILE A 78 -4.86 -14.88 -22.29
N VAL A 79 -5.16 -14.14 -23.35
CA VAL A 79 -5.54 -14.74 -24.61
C VAL A 79 -4.32 -14.91 -25.52
N GLN A 80 -4.16 -16.10 -26.08
CA GLN A 80 -3.03 -16.40 -26.96
C GLN A 80 -3.42 -17.18 -28.21
N SER A 81 -2.92 -16.71 -29.36
CA SER A 81 -3.22 -17.37 -30.63
C SER A 81 -2.61 -18.78 -30.62
N VAL A 82 -3.14 -19.64 -31.49
CA VAL A 82 -2.64 -20.98 -31.55
C VAL A 82 -2.50 -21.44 -32.99
N PRO A 83 -1.76 -20.67 -33.82
CA PRO A 83 -1.61 -21.09 -35.20
C PRO A 83 -0.90 -22.43 -35.38
N GLU A 84 -0.02 -22.81 -34.46
CA GLU A 84 0.68 -24.08 -34.62
C GLU A 84 -0.30 -25.24 -34.57
N HIS A 85 -1.53 -24.95 -34.13
CA HIS A 85 -2.59 -25.97 -34.01
C HIS A 85 -2.61 -26.96 -35.19
N PRO A 86 -2.69 -28.27 -34.88
CA PRO A 86 -2.71 -29.36 -35.87
C PRO A 86 -3.82 -29.36 -36.91
N LYS A 87 -5.05 -29.63 -36.47
CA LYS A 87 -6.20 -29.69 -37.37
C LYS A 87 -6.67 -28.35 -37.93
N LYS A 88 -7.48 -27.63 -37.15
CA LYS A 88 -8.05 -26.35 -37.55
C LYS A 88 -7.11 -25.13 -37.45
N GLU A 89 -7.54 -24.02 -38.03
CA GLU A 89 -6.78 -22.76 -38.02
C GLU A 89 -7.57 -21.70 -37.26
N HIS A 90 -7.01 -20.50 -37.17
CA HIS A 90 -7.67 -19.40 -36.48
C HIS A 90 -8.03 -19.75 -35.05
N VAL A 91 -7.24 -20.61 -34.42
CA VAL A 91 -7.49 -21.02 -33.06
C VAL A 91 -6.89 -20.02 -32.11
N PHE A 92 -7.55 -19.77 -31.00
CA PHE A 92 -6.99 -18.87 -30.00
C PHE A 92 -7.42 -19.33 -28.63
N CYS A 93 -6.44 -19.44 -27.72
CA CYS A 93 -6.68 -19.92 -26.38
C CYS A 93 -6.70 -18.88 -25.28
N LEU A 94 -7.70 -18.97 -24.42
CA LEU A 94 -7.85 -18.05 -23.30
C LEU A 94 -7.61 -18.78 -21.99
N SER A 95 -6.97 -18.09 -21.05
CA SER A 95 -6.69 -18.62 -19.72
C SER A 95 -7.03 -17.55 -18.69
N ASN A 96 -8.05 -17.79 -17.88
CA ASN A 96 -8.48 -16.84 -16.85
C ASN A 96 -7.71 -17.00 -15.55
N SER A 97 -7.86 -16.04 -14.66
CA SER A 97 -7.19 -16.11 -13.38
C SER A 97 -7.88 -17.13 -12.46
N CYS A 98 -7.87 -18.40 -12.86
CA CYS A 98 -8.47 -19.49 -12.09
C CYS A 98 -7.93 -20.86 -12.47
N GLY A 99 -6.85 -20.87 -13.23
CA GLY A 99 -6.27 -22.14 -13.62
C GLY A 99 -7.09 -22.83 -14.67
N ASP A 100 -7.94 -22.07 -15.35
CA ASP A 100 -8.76 -22.63 -16.39
C ASP A 100 -8.23 -22.27 -17.77
N VAL A 101 -8.55 -23.10 -18.75
CA VAL A 101 -8.13 -22.89 -20.13
C VAL A 101 -9.21 -23.31 -21.11
N TYR A 102 -9.46 -22.47 -22.11
CA TYR A 102 -10.48 -22.76 -23.11
C TYR A 102 -9.91 -22.52 -24.49
N LEU A 103 -10.59 -23.05 -25.50
CA LEU A 103 -10.18 -22.88 -26.90
C LEU A 103 -11.32 -22.27 -27.72
N PHE A 104 -10.95 -21.51 -28.74
CA PHE A 104 -11.94 -20.88 -29.61
C PHE A 104 -11.46 -20.92 -31.05
N GLN A 105 -12.37 -20.65 -31.98
CA GLN A 105 -12.06 -20.60 -33.40
C GLN A 105 -12.81 -19.42 -33.99
N ALA A 106 -12.07 -18.48 -34.56
CA ALA A 106 -12.66 -17.28 -35.15
C ALA A 106 -12.93 -17.47 -36.62
N THR A 107 -13.78 -16.60 -37.14
CA THR A 107 -14.15 -16.63 -38.54
C THR A 107 -12.86 -16.53 -39.36
N SER A 108 -12.13 -15.44 -39.21
CA SER A 108 -10.88 -15.22 -39.94
C SER A 108 -9.76 -14.82 -38.99
N GLN A 109 -8.54 -14.81 -39.51
CA GLN A 109 -7.40 -14.43 -38.70
C GLN A 109 -7.66 -13.04 -38.12
N THR A 110 -8.33 -12.19 -38.91
CA THR A 110 -8.62 -10.83 -38.47
C THR A 110 -9.68 -10.83 -37.39
N ASP A 111 -10.62 -11.76 -37.47
CA ASP A 111 -11.67 -11.83 -36.45
C ASP A 111 -10.98 -12.14 -35.13
N LEU A 112 -10.17 -13.19 -35.13
CA LEU A 112 -9.42 -13.59 -33.95
C LEU A 112 -8.69 -12.39 -33.34
N GLU A 113 -7.90 -11.71 -34.17
CA GLU A 113 -7.19 -10.54 -33.69
C GLU A 113 -8.11 -9.52 -33.03
N ASN A 114 -9.33 -9.36 -33.52
CA ASN A 114 -10.24 -8.42 -32.87
C ASN A 114 -10.70 -9.01 -31.55
N TRP A 115 -11.02 -10.29 -31.58
CA TRP A 115 -11.47 -11.00 -30.38
C TRP A 115 -10.44 -10.93 -29.26
N VAL A 116 -9.20 -11.21 -29.63
CA VAL A 116 -8.13 -11.17 -28.67
C VAL A 116 -8.09 -9.78 -28.09
N THR A 117 -7.95 -8.80 -28.97
CA THR A 117 -7.86 -7.41 -28.58
C THR A 117 -9.00 -6.93 -27.68
N ALA A 118 -10.22 -7.37 -27.96
CA ALA A 118 -11.34 -6.95 -27.15
C ALA A 118 -11.26 -7.58 -25.77
N ILE A 119 -11.02 -8.90 -25.72
CA ILE A 119 -10.92 -9.59 -24.44
C ILE A 119 -9.87 -8.92 -23.55
N HIS A 120 -8.67 -8.73 -24.08
CA HIS A 120 -7.59 -8.08 -23.34
C HIS A 120 -7.98 -6.68 -22.92
N SER A 121 -8.55 -5.92 -23.85
CA SER A 121 -8.97 -4.56 -23.57
C SER A 121 -9.89 -4.53 -22.36
N ALA A 122 -10.88 -5.42 -22.34
CA ALA A 122 -11.83 -5.49 -21.24
C ALA A 122 -11.18 -5.80 -19.88
N CYS A 123 -10.13 -6.60 -19.91
CA CYS A 123 -9.42 -6.94 -18.68
C CYS A 123 -8.60 -5.75 -18.22
N ALA A 124 -7.96 -5.08 -19.18
CA ALA A 124 -7.13 -3.90 -18.92
C ALA A 124 -7.97 -2.73 -18.41
N SER A 125 -9.25 -2.73 -18.75
CA SER A 125 -10.11 -1.68 -18.28
C SER A 125 -10.48 -2.04 -16.85
N LEU A 126 -11.08 -3.21 -16.68
CA LEU A 126 -11.48 -3.71 -15.36
C LEU A 126 -10.36 -3.64 -14.34
N PHE A 127 -9.14 -3.94 -14.79
CA PHE A 127 -7.96 -3.91 -13.95
C PHE A 127 -7.62 -2.47 -13.55
N ALA A 128 -7.67 -1.55 -14.50
CA ALA A 128 -7.39 -0.15 -14.22
C ALA A 128 -8.46 0.43 -13.30
N LYS A 129 -9.70 -0.02 -13.50
CA LYS A 129 -10.80 0.43 -12.68
C LYS A 129 -10.62 -0.13 -11.27
N LYS A 130 -10.55 -1.46 -11.14
CA LYS A 130 -10.38 -2.09 -9.83
C LYS A 130 -9.21 -1.51 -9.05
N HIS A 131 -8.31 -0.82 -9.75
CA HIS A 131 -7.15 -0.21 -9.11
C HIS A 131 -7.36 1.28 -8.94
N GLY A 132 -8.63 1.68 -8.89
CA GLY A 132 -8.99 3.08 -8.71
C GLY A 132 -8.21 4.05 -9.58
N LYS A 133 -7.82 3.62 -10.78
CA LYS A 133 -7.08 4.50 -11.69
C LYS A 133 -7.89 4.75 -12.97
N GLU A 134 -7.67 5.91 -13.56
CA GLU A 134 -8.40 6.27 -14.76
C GLU A 134 -7.58 6.00 -16.01
N ASP A 135 -6.37 6.53 -16.06
CA ASP A 135 -5.52 6.31 -17.22
C ASP A 135 -4.89 4.92 -17.12
N THR A 136 -5.34 4.01 -17.98
CA THR A 136 -4.84 2.63 -17.96
C THR A 136 -3.43 2.47 -18.47
N VAL A 137 -3.14 3.05 -19.64
CA VAL A 137 -1.81 2.92 -20.22
C VAL A 137 -0.70 3.36 -19.28
N ARG A 138 -1.06 4.13 -18.25
CA ARG A 138 -0.09 4.59 -17.25
C ARG A 138 0.01 3.50 -16.19
N LEU A 139 -1.16 3.01 -15.75
CA LEU A 139 -1.24 1.95 -14.76
C LEU A 139 -0.50 0.71 -15.25
N LEU A 140 -0.84 0.27 -16.45
CA LEU A 140 -0.19 -0.90 -17.02
C LEU A 140 1.31 -0.63 -17.06
N LYS A 141 1.71 0.44 -17.74
CA LYS A 141 3.12 0.79 -17.82
C LYS A 141 3.80 0.85 -16.46
N SER A 142 3.04 1.17 -15.42
CA SER A 142 3.61 1.18 -14.08
C SER A 142 3.95 -0.25 -13.70
N GLN A 143 2.91 -1.08 -13.61
CA GLN A 143 3.04 -2.48 -13.29
C GLN A 143 4.32 -3.10 -13.82
N THR A 144 4.49 -3.03 -15.14
CA THR A 144 5.67 -3.58 -15.77
C THR A 144 6.92 -3.13 -15.04
N ARG A 145 7.14 -1.82 -14.95
CA ARG A 145 8.33 -1.31 -14.26
C ARG A 145 8.36 -1.75 -12.82
N SER A 146 7.20 -1.88 -12.19
CA SER A 146 7.14 -2.34 -10.81
C SER A 146 7.54 -3.81 -10.75
N LEU A 147 6.86 -4.63 -11.55
CA LEU A 147 7.12 -6.07 -11.63
C LEU A 147 8.57 -6.40 -11.97
N LEU A 148 9.14 -5.67 -12.92
CA LEU A 148 10.54 -5.87 -13.27
C LEU A 148 11.39 -5.69 -12.01
N GLN A 149 11.12 -4.64 -11.25
CA GLN A 149 11.85 -4.37 -10.03
C GLN A 149 11.65 -5.51 -9.05
N LYS A 150 10.38 -5.85 -8.80
CA LYS A 150 10.06 -6.95 -7.91
C LYS A 150 10.73 -8.24 -8.39
N ILE A 151 10.82 -8.44 -9.70
CA ILE A 151 11.48 -9.64 -10.24
C ILE A 151 12.96 -9.60 -9.93
N ASP A 152 13.59 -8.44 -10.14
CA ASP A 152 15.01 -8.29 -9.87
C ASP A 152 15.28 -8.51 -8.39
N MET A 153 14.35 -8.05 -7.55
CA MET A 153 14.48 -8.21 -6.11
C MET A 153 14.54 -9.70 -5.75
N ASP A 154 13.41 -10.40 -5.80
CA ASP A 154 13.39 -11.82 -5.48
C ASP A 154 14.42 -12.56 -6.32
N SER A 155 14.70 -12.07 -7.52
CA SER A 155 15.70 -12.72 -8.37
C SER A 155 17.04 -12.82 -7.60
N LYS A 156 17.39 -11.75 -6.87
CA LYS A 156 18.61 -11.72 -6.07
C LYS A 156 18.44 -12.52 -4.80
N MET A 157 17.24 -12.47 -4.22
CA MET A 157 16.95 -13.23 -3.00
C MET A 157 17.28 -14.70 -3.25
N LYS A 158 16.73 -15.26 -4.32
CA LYS A 158 17.02 -16.65 -4.61
C LYS A 158 18.52 -16.80 -4.75
N LYS A 159 19.14 -16.00 -5.61
CA LYS A 159 20.58 -16.08 -5.82
C LYS A 159 21.38 -15.93 -4.52
N MET A 160 20.72 -15.52 -3.44
CA MET A 160 21.34 -15.37 -2.11
C MET A 160 21.50 -16.78 -1.58
N ALA A 161 20.40 -17.29 -1.03
CA ALA A 161 20.36 -18.64 -0.52
C ALA A 161 21.19 -19.60 -1.34
N GLU A 162 21.14 -19.49 -2.68
CA GLU A 162 21.90 -20.39 -3.53
C GLU A 162 23.39 -20.33 -3.25
N LEU A 163 24.04 -19.22 -3.63
CA LEU A 163 25.47 -19.03 -3.40
C LEU A 163 25.68 -18.78 -1.90
N GLN A 164 25.13 -19.69 -1.12
CA GLN A 164 25.17 -19.71 0.34
C GLN A 164 24.88 -21.17 0.81
N LEU A 165 23.72 -21.71 0.43
CA LEU A 165 23.38 -23.08 0.79
C LEU A 165 24.33 -24.01 0.05
N SER A 166 24.94 -23.50 -1.02
CA SER A 166 25.92 -24.29 -1.76
C SER A 166 27.23 -23.98 -1.04
N VAL A 167 27.18 -24.18 0.28
CA VAL A 167 28.30 -23.93 1.18
C VAL A 167 28.06 -24.76 2.44
N VAL A 168 26.87 -24.60 3.01
CA VAL A 168 26.48 -25.34 4.21
C VAL A 168 26.09 -26.78 3.81
N SER A 169 27.10 -27.65 3.74
CA SER A 169 26.92 -29.05 3.36
C SER A 169 26.36 -29.91 4.51
N ASP A 170 25.77 -29.25 5.51
CA ASP A 170 25.17 -29.93 6.67
C ASP A 170 23.78 -30.38 6.28
N PRO A 171 23.61 -31.63 5.79
CA PRO A 171 22.30 -32.15 5.37
C PRO A 171 21.15 -31.78 6.32
N LYS A 172 21.53 -31.21 7.45
CA LYS A 172 20.60 -30.75 8.47
C LYS A 172 19.63 -29.70 7.88
N ASN A 173 20.15 -28.51 7.63
CA ASN A 173 19.38 -27.40 7.06
C ASN A 173 19.50 -27.35 5.55
N ARG A 174 20.32 -28.24 5.01
CA ARG A 174 20.55 -28.30 3.56
C ARG A 174 19.20 -28.25 2.84
N LYS A 175 18.28 -29.11 3.26
CA LYS A 175 16.96 -29.15 2.65
C LYS A 175 16.17 -27.92 3.09
N ALA A 176 16.25 -27.62 4.39
CA ALA A 176 15.54 -26.47 4.96
C ALA A 176 15.64 -25.20 4.11
N ILE A 177 16.83 -24.93 3.57
CA ILE A 177 17.06 -23.75 2.72
C ILE A 177 16.39 -23.98 1.38
N GLU A 178 16.68 -25.12 0.75
CA GLU A 178 16.13 -25.49 -0.55
C GLU A 178 14.62 -25.31 -0.69
N ASN A 179 13.95 -25.07 0.44
CA ASN A 179 12.51 -24.87 0.44
C ASN A 179 12.19 -23.40 0.24
N GLN A 180 13.21 -22.57 0.25
CA GLN A 180 13.06 -21.14 0.05
C GLN A 180 13.49 -20.90 -1.40
N ILE A 181 14.48 -21.66 -1.85
CA ILE A 181 14.95 -21.55 -3.21
C ILE A 181 13.73 -21.90 -4.05
N ARG A 182 13.18 -23.09 -3.80
CA ARG A 182 12.01 -23.54 -4.56
C ARG A 182 10.91 -22.49 -4.44
N GLN A 183 10.83 -21.84 -3.28
CA GLN A 183 9.81 -20.82 -3.06
C GLN A 183 10.00 -19.64 -3.99
N TRP A 184 11.17 -19.01 -3.91
CA TRP A 184 11.45 -17.85 -4.75
C TRP A 184 11.33 -18.17 -6.22
N GLU A 185 11.87 -19.33 -6.60
CA GLU A 185 11.78 -19.76 -7.98
C GLU A 185 10.32 -19.64 -8.47
N GLN A 186 9.39 -19.88 -7.56
CA GLN A 186 7.97 -19.79 -7.87
C GLN A 186 7.52 -18.35 -7.87
N ASN A 187 8.00 -17.55 -6.91
CA ASN A 187 7.62 -16.14 -6.84
C ASN A 187 8.01 -15.46 -8.14
N LEU A 188 9.09 -15.98 -8.71
CA LEU A 188 9.60 -15.46 -9.94
C LEU A 188 8.73 -15.89 -11.09
N GLU A 189 8.22 -17.11 -11.08
CA GLU A 189 7.34 -17.55 -12.16
C GLU A 189 6.05 -16.70 -12.12
N LYS A 190 5.55 -16.46 -10.92
CA LYS A 190 4.35 -15.65 -10.77
C LYS A 190 4.61 -14.29 -11.36
N PHE A 191 5.74 -13.70 -10.98
CA PHE A 191 6.10 -12.38 -11.48
C PHE A 191 6.21 -12.28 -12.99
N HIS A 192 6.90 -13.22 -13.61
CA HIS A 192 7.07 -13.23 -15.06
C HIS A 192 5.74 -13.38 -15.76
N MET A 193 4.82 -14.06 -15.09
CA MET A 193 3.48 -14.27 -15.65
C MET A 193 2.72 -12.95 -15.68
N ASP A 194 2.59 -12.32 -14.52
CA ASP A 194 1.90 -11.05 -14.43
C ASP A 194 2.53 -10.08 -15.42
N LEU A 195 3.85 -10.05 -15.46
CA LEU A 195 4.53 -9.15 -16.37
C LEU A 195 4.12 -9.44 -17.80
N PHE A 196 4.05 -10.71 -18.16
CA PHE A 196 3.65 -11.09 -19.52
C PHE A 196 2.24 -10.59 -19.83
N ARG A 197 1.34 -10.76 -18.87
CA ARG A 197 -0.05 -10.32 -19.03
C ARG A 197 -0.11 -8.82 -19.21
N MET A 198 0.61 -8.08 -18.37
CA MET A 198 0.63 -6.64 -18.47
C MET A 198 0.96 -6.21 -19.89
N ARG A 199 2.03 -6.80 -20.42
CA ARG A 199 2.45 -6.48 -21.78
C ARG A 199 1.40 -6.87 -22.82
N CYS A 200 0.62 -7.91 -22.53
CA CYS A 200 -0.44 -8.35 -23.44
C CYS A 200 -1.54 -7.29 -23.50
N TYR A 201 -1.93 -6.78 -22.34
CA TYR A 201 -2.93 -5.74 -22.27
C TYR A 201 -2.40 -4.54 -23.00
N LEU A 202 -1.24 -4.04 -22.58
CA LEU A 202 -0.62 -2.89 -23.22
C LEU A 202 -0.67 -2.95 -24.75
N ALA A 203 -0.20 -4.05 -25.33
CA ALA A 203 -0.21 -4.20 -26.78
C ALA A 203 -1.64 -4.19 -27.33
N SER A 204 -2.55 -4.86 -26.65
CA SER A 204 -3.92 -4.90 -27.12
C SER A 204 -4.63 -3.56 -26.97
N LEU A 205 -3.88 -2.50 -26.76
CA LEU A 205 -4.47 -1.17 -26.64
C LEU A 205 -3.66 -0.31 -27.56
N GLN A 206 -2.37 -0.27 -27.34
CA GLN A 206 -1.48 0.52 -28.17
C GLN A 206 -1.29 -0.16 -29.54
N GLY A 207 -2.01 -1.25 -29.77
CA GLY A 207 -1.91 -1.97 -31.03
C GLY A 207 -0.57 -2.58 -31.44
N GLY A 208 0.42 -2.56 -30.55
CA GLY A 208 1.71 -3.15 -30.89
C GLY A 208 1.56 -4.67 -31.02
N GLU A 209 2.66 -5.36 -31.34
CA GLU A 209 2.56 -6.81 -31.47
C GLU A 209 2.53 -7.42 -30.07
N LEU A 210 1.94 -8.60 -29.96
CA LEU A 210 1.87 -9.27 -28.68
C LEU A 210 3.20 -9.80 -28.16
N PRO A 211 3.48 -9.60 -26.85
CA PRO A 211 4.73 -10.07 -26.25
C PRO A 211 5.06 -11.50 -26.65
N ASN A 212 6.33 -11.75 -26.91
CA ASN A 212 6.77 -13.06 -27.33
C ASN A 212 6.60 -14.05 -26.21
N PRO A 213 5.90 -15.13 -26.49
CA PRO A 213 5.63 -16.18 -25.51
C PRO A 213 6.89 -16.98 -25.19
N LYS A 214 7.68 -17.29 -26.21
CA LYS A 214 8.89 -18.05 -25.96
C LYS A 214 9.73 -17.42 -24.86
N SER A 215 9.70 -16.10 -24.77
CA SER A 215 10.43 -15.39 -23.75
C SER A 215 9.90 -15.68 -22.37
N LEU A 216 8.61 -15.94 -22.25
CA LEU A 216 8.06 -16.23 -20.95
C LEU A 216 8.39 -17.65 -20.59
N LEU A 217 8.13 -18.59 -21.49
CA LEU A 217 8.42 -19.99 -21.20
C LEU A 217 9.86 -20.17 -20.80
N ALA A 218 10.70 -19.29 -21.31
CA ALA A 218 12.11 -19.36 -20.99
C ALA A 218 12.32 -19.24 -19.49
N ALA A 219 11.30 -18.85 -18.75
CA ALA A 219 11.48 -18.74 -17.30
C ALA A 219 10.72 -19.83 -16.57
N THR A 220 10.54 -20.98 -17.21
CA THR A 220 9.80 -22.02 -16.53
C THR A 220 10.70 -22.89 -15.68
N SER A 221 10.37 -22.99 -14.39
CA SER A 221 11.14 -23.80 -13.46
C SER A 221 11.11 -25.25 -13.95
N ARG A 222 12.26 -25.90 -13.97
CA ARG A 222 12.34 -27.28 -14.41
C ARG A 222 11.20 -28.08 -13.78
N PRO A 223 10.88 -27.83 -12.50
CA PRO A 223 9.80 -28.55 -11.85
C PRO A 223 8.49 -28.24 -12.55
N SER A 224 8.16 -26.96 -12.64
CA SER A 224 6.93 -26.56 -13.29
C SER A 224 6.86 -27.11 -14.70
N LYS A 225 8.02 -27.26 -15.34
CA LYS A 225 8.04 -27.80 -16.69
C LYS A 225 7.44 -29.21 -16.71
N LEU A 226 8.02 -30.08 -15.89
CA LEU A 226 7.55 -31.47 -15.80
C LEU A 226 6.11 -31.47 -15.37
N ALA A 227 5.80 -30.61 -14.41
CA ALA A 227 4.45 -30.46 -13.89
C ALA A 227 3.49 -30.28 -15.06
N LEU A 228 3.80 -29.33 -15.93
CA LEU A 228 2.96 -29.08 -17.09
C LEU A 228 3.25 -30.11 -18.18
N GLY A 229 3.72 -31.29 -17.78
CA GLY A 229 4.00 -32.35 -18.72
C GLY A 229 2.79 -33.27 -18.84
N ARG A 230 2.14 -33.54 -17.71
CA ARG A 230 0.96 -34.40 -17.66
C ARG A 230 -0.26 -33.59 -18.04
N LEU A 231 -0.02 -32.45 -18.68
CA LEU A 231 -1.09 -31.57 -19.12
C LEU A 231 -0.82 -31.21 -20.58
N GLY A 232 -0.69 -32.22 -21.41
CA GLY A 232 -0.42 -31.97 -22.82
C GLY A 232 1.00 -31.46 -22.97
N VAL A 233 1.19 -30.46 -23.81
CA VAL A 233 2.52 -29.90 -24.02
C VAL A 233 2.71 -28.56 -23.26
N LEU A 234 3.95 -28.07 -23.30
CA LEU A 234 4.32 -26.84 -22.64
C LEU A 234 3.84 -25.67 -23.48
N SER A 235 3.03 -24.81 -22.86
CA SER A 235 2.49 -23.64 -23.54
C SER A 235 2.39 -22.49 -22.57
N VAL A 236 2.25 -21.28 -23.10
CA VAL A 236 2.11 -20.13 -22.23
C VAL A 236 0.80 -20.31 -21.45
N SER A 237 -0.28 -20.57 -22.17
CA SER A 237 -1.58 -20.73 -21.54
C SER A 237 -1.63 -21.71 -20.37
N SER A 238 -0.91 -22.83 -20.48
CA SER A 238 -0.92 -23.81 -19.38
C SER A 238 -0.10 -23.30 -18.20
N PHE A 239 1.01 -22.65 -18.53
CA PHE A 239 1.90 -22.07 -17.53
C PHE A 239 1.06 -21.14 -16.69
N HIS A 240 0.27 -20.29 -17.36
CA HIS A 240 -0.60 -19.32 -16.68
C HIS A 240 -1.53 -20.06 -15.73
N ALA A 241 -2.10 -21.16 -16.22
CA ALA A 241 -3.01 -21.96 -15.40
C ALA A 241 -2.23 -22.42 -14.16
N LEU A 242 -1.12 -23.10 -14.41
CA LEU A 242 -0.26 -23.59 -13.34
C LEU A 242 0.11 -22.53 -12.31
N VAL A 243 0.14 -21.27 -12.70
CA VAL A 243 0.48 -20.21 -11.75
C VAL A 243 -0.75 -19.78 -10.95
N CYS A 244 -1.90 -19.71 -11.61
CA CYS A 244 -3.12 -19.32 -10.91
C CYS A 244 -3.42 -20.37 -9.86
N SER A 245 -3.27 -21.63 -10.24
CA SER A 245 -3.52 -22.77 -9.36
C SER A 245 -2.86 -22.63 -8.00
N ARG A 246 -1.78 -21.85 -7.96
CA ARG A 246 -1.06 -21.65 -6.73
C ARG A 246 -1.61 -20.47 -5.94
N ASP A 247 -2.47 -19.67 -6.58
CA ASP A 247 -3.01 -18.50 -5.91
C ASP A 247 -4.19 -18.83 -4.98
N ASP A 248 -4.24 -18.13 -3.84
CA ASP A 248 -5.28 -18.33 -2.85
C ASP A 248 -6.57 -17.57 -3.20
N VAL B 10 19.00 35.21 2.00
CA VAL B 10 17.84 35.97 1.47
C VAL B 10 16.93 35.06 0.64
N VAL B 11 15.62 35.10 0.90
CA VAL B 11 14.66 34.27 0.15
C VAL B 11 13.82 35.07 -0.83
N ARG B 12 13.90 34.69 -2.10
CA ARG B 12 13.22 35.36 -3.21
C ARG B 12 11.88 34.74 -3.60
N LYS B 13 11.76 33.42 -3.48
CA LYS B 13 10.52 32.74 -3.87
C LYS B 13 10.32 31.49 -3.00
N ALA B 14 9.10 30.95 -3.02
CA ALA B 14 8.75 29.75 -2.27
C ALA B 14 7.32 29.32 -2.58
N GLY B 15 7.12 28.04 -2.89
CA GLY B 15 5.79 27.55 -3.22
C GLY B 15 5.75 26.09 -3.61
N TRP B 16 4.57 25.60 -3.97
CA TRP B 16 4.42 24.18 -4.33
C TRP B 16 4.72 23.88 -5.78
N LEU B 17 5.57 22.88 -5.99
CA LEU B 17 5.99 22.43 -7.32
C LEU B 17 6.09 20.92 -7.35
N PHE B 18 6.14 20.36 -8.56
CA PHE B 18 6.27 18.91 -8.74
C PHE B 18 7.70 18.68 -9.22
N PHE B 19 8.36 17.66 -8.69
CA PHE B 19 9.74 17.37 -9.06
C PHE B 19 9.90 16.09 -9.86
N LYS B 20 11.11 15.88 -10.37
CA LYS B 20 11.39 14.69 -11.18
C LYS B 20 12.71 14.88 -11.93
N PRO B 21 13.86 14.58 -11.31
CA PRO B 21 15.17 14.74 -11.95
C PRO B 21 15.28 13.97 -13.27
N LEU B 22 15.56 14.69 -14.35
CA LEU B 22 15.65 14.07 -15.67
C LEU B 22 16.99 13.50 -16.13
N VAL B 23 18.09 14.16 -15.80
CA VAL B 23 19.40 13.67 -16.22
C VAL B 23 20.50 14.00 -15.25
N THR B 24 21.26 12.98 -14.87
CA THR B 24 22.37 13.13 -13.95
C THR B 24 23.67 12.69 -14.59
N LEU B 25 24.76 13.33 -14.17
CA LEU B 25 26.09 13.01 -14.69
C LEU B 25 26.66 11.90 -13.84
N GLN B 26 26.46 10.66 -14.31
CA GLN B 26 26.93 9.48 -13.60
C GLN B 26 28.45 9.40 -13.64
N LYS B 27 29.00 8.56 -12.78
CA LYS B 27 30.44 8.37 -12.68
C LYS B 27 31.12 8.36 -14.06
N GLU B 28 32.28 8.99 -14.15
CA GLU B 28 33.06 9.03 -15.39
C GLU B 28 32.45 9.92 -16.49
N ARG B 29 31.93 11.07 -16.11
CA ARG B 29 31.33 12.01 -17.06
C ARG B 29 30.50 11.30 -18.13
N LYS B 30 29.45 10.63 -17.68
CA LYS B 30 28.54 9.89 -18.55
C LYS B 30 27.11 10.25 -18.15
N LEU B 31 26.53 11.21 -18.88
CA LEU B 31 25.18 11.65 -18.59
C LEU B 31 24.16 10.51 -18.71
N GLU B 32 23.35 10.32 -17.69
CA GLU B 32 22.36 9.25 -17.71
C GLU B 32 20.93 9.73 -17.65
N LEU B 33 20.07 9.01 -18.36
CA LEU B 33 18.65 9.32 -18.44
C LEU B 33 17.92 9.16 -17.09
N VAL B 34 18.66 8.73 -16.06
CA VAL B 34 18.16 8.52 -14.70
C VAL B 34 16.95 7.61 -14.49
N ALA B 35 16.96 6.91 -13.35
CA ALA B 35 15.91 5.99 -12.97
C ALA B 35 14.53 6.60 -13.08
N ARG B 36 13.87 6.36 -14.21
CA ARG B 36 12.53 6.88 -14.49
C ARG B 36 11.52 6.91 -13.34
N ARG B 37 11.77 7.79 -12.37
CA ARG B 37 10.93 7.98 -11.18
C ARG B 37 9.57 8.59 -11.58
N LYS B 38 8.89 9.23 -10.63
CA LYS B 38 7.59 9.83 -10.92
C LYS B 38 7.39 11.18 -10.24
N TRP B 39 6.52 11.99 -10.82
CA TRP B 39 6.25 13.32 -10.27
C TRP B 39 5.82 13.27 -8.81
N LYS B 40 6.40 14.14 -8.00
CA LYS B 40 6.07 14.20 -6.60
C LYS B 40 6.20 15.63 -6.03
N GLN B 41 5.09 16.19 -5.55
CA GLN B 41 5.06 17.54 -5.00
C GLN B 41 6.16 17.85 -4.00
N TYR B 42 6.29 19.14 -3.69
CA TYR B 42 7.30 19.64 -2.77
C TYR B 42 7.12 21.12 -2.51
N TRP B 43 7.21 21.54 -1.26
CA TRP B 43 7.13 22.95 -0.95
C TRP B 43 8.59 23.40 -1.12
N VAL B 44 8.87 24.08 -2.24
CA VAL B 44 10.23 24.51 -2.55
C VAL B 44 10.49 25.96 -2.19
N THR B 45 11.72 26.24 -1.74
CA THR B 45 12.10 27.60 -1.37
C THR B 45 13.45 28.01 -1.91
N LEU B 46 13.44 29.07 -2.70
CA LEU B 46 14.66 29.59 -3.26
C LEU B 46 15.25 30.59 -2.28
N LYS B 47 16.25 30.14 -1.53
CA LYS B 47 16.93 31.01 -0.58
C LYS B 47 18.29 31.27 -1.21
N GLY B 48 18.61 32.55 -1.41
CA GLY B 48 19.89 32.91 -2.01
C GLY B 48 20.00 32.35 -3.42
N CYS B 49 20.61 31.18 -3.54
CA CYS B 49 20.80 30.53 -4.84
C CYS B 49 20.72 29.00 -4.67
N THR B 50 19.94 28.57 -3.67
CA THR B 50 19.75 27.17 -3.36
C THR B 50 18.29 26.80 -3.19
N LEU B 51 17.90 25.68 -3.79
CA LEU B 51 16.53 25.21 -3.73
C LEU B 51 16.31 24.14 -2.66
N LEU B 52 15.72 24.53 -1.55
CA LEU B 52 15.44 23.60 -0.46
C LEU B 52 14.05 22.99 -0.66
N PHE B 53 13.96 21.66 -0.58
CA PHE B 53 12.67 20.98 -0.74
C PHE B 53 12.15 20.47 0.59
N TYR B 54 10.83 20.56 0.78
CA TYR B 54 10.21 20.09 2.00
C TYR B 54 9.04 19.17 1.63
N GLU B 55 8.77 18.19 2.50
CA GLU B 55 7.69 17.24 2.26
C GLU B 55 6.35 17.77 2.75
N THR B 56 6.40 18.58 3.80
CA THR B 56 5.19 19.14 4.39
C THR B 56 5.26 20.65 4.51
N TYR B 57 4.12 21.30 4.28
CA TYR B 57 4.00 22.76 4.33
C TYR B 57 4.97 23.43 5.31
N SER B 66 9.88 20.18 9.32
CA SER B 66 10.76 21.33 9.16
C SER B 66 12.16 20.90 8.71
N ALA B 67 12.26 19.68 8.20
CA ALA B 67 13.53 19.14 7.73
C ALA B 67 13.55 19.02 6.20
N PRO B 68 14.54 19.66 5.56
CA PRO B 68 14.68 19.62 4.09
C PRO B 68 14.89 18.21 3.53
N ARG B 69 13.88 17.66 2.84
CA ARG B 69 14.02 16.31 2.27
C ARG B 69 15.29 16.24 1.45
N CYS B 70 15.57 17.31 0.70
CA CYS B 70 16.77 17.39 -0.13
C CYS B 70 16.95 18.82 -0.63
N ALA B 71 18.21 19.25 -0.72
CA ALA B 71 18.52 20.58 -1.21
C ALA B 71 19.08 20.54 -2.64
N LEU B 72 19.18 21.70 -3.27
CA LEU B 72 19.68 21.79 -4.65
C LEU B 72 20.27 23.16 -4.95
N PHE B 73 21.57 23.16 -5.24
CA PHE B 73 22.29 24.39 -5.55
C PHE B 73 22.15 24.66 -7.04
N ALA B 74 21.90 25.91 -7.39
CA ALA B 74 21.71 26.27 -8.79
C ALA B 74 22.52 27.44 -9.30
N GLU B 75 23.73 27.61 -8.82
CA GLU B 75 24.55 28.69 -9.30
C GLU B 75 24.79 28.48 -10.81
N ASP B 76 24.78 29.57 -11.57
CA ASP B 76 25.00 29.53 -13.01
C ASP B 76 24.20 28.44 -13.69
N SER B 77 22.89 28.43 -13.41
CA SER B 77 21.97 27.44 -13.99
C SER B 77 21.19 28.05 -15.14
N ILE B 78 20.52 27.21 -15.90
CA ILE B 78 19.72 27.67 -17.02
C ILE B 78 18.34 27.05 -16.96
N VAL B 79 17.33 27.86 -16.65
CA VAL B 79 15.97 27.37 -16.59
C VAL B 79 15.28 27.63 -17.93
N GLN B 80 14.57 26.60 -18.42
CA GLN B 80 13.85 26.68 -19.68
C GLN B 80 12.46 26.07 -19.62
N SER B 81 11.47 26.77 -20.16
CA SER B 81 10.10 26.27 -20.14
C SER B 81 10.03 25.06 -21.05
N VAL B 82 9.01 24.23 -20.83
CA VAL B 82 8.84 23.02 -21.63
C VAL B 82 7.39 22.84 -22.05
N PRO B 83 6.81 23.85 -22.70
CA PRO B 83 5.42 23.70 -23.12
C PRO B 83 5.17 22.57 -24.12
N GLU B 84 6.15 22.24 -24.96
CA GLU B 84 5.95 21.17 -25.93
C GLU B 84 5.73 19.83 -25.23
N HIS B 85 5.97 19.80 -23.92
CA HIS B 85 5.80 18.60 -23.13
C HIS B 85 4.53 17.85 -23.48
N PRO B 86 4.63 16.51 -23.64
CA PRO B 86 3.53 15.62 -23.98
C PRO B 86 2.32 15.54 -23.03
N LYS B 87 2.54 14.99 -21.84
CA LYS B 87 1.46 14.84 -20.87
C LYS B 87 1.00 16.12 -20.18
N LYS B 88 1.74 16.53 -19.16
CA LYS B 88 1.43 17.71 -18.37
C LYS B 88 1.82 19.06 -19.00
N GLU B 89 1.33 20.14 -18.41
CA GLU B 89 1.63 21.49 -18.87
C GLU B 89 2.38 22.24 -17.79
N HIS B 90 2.72 23.50 -18.03
CA HIS B 90 3.42 24.32 -17.05
C HIS B 90 4.72 23.68 -16.58
N VAL B 91 5.35 22.94 -17.48
CA VAL B 91 6.61 22.28 -17.17
C VAL B 91 7.76 23.23 -17.42
N PHE B 92 8.78 23.16 -16.58
CA PHE B 92 9.96 23.96 -16.78
C PHE B 92 11.18 23.21 -16.27
N CYS B 93 12.18 23.12 -17.12
CA CYS B 93 13.41 22.38 -16.82
C CYS B 93 14.61 23.22 -16.46
N LEU B 94 15.28 22.83 -15.38
CA LEU B 94 16.47 23.52 -14.91
C LEU B 94 17.70 22.65 -15.11
N SER B 95 18.81 23.28 -15.47
CA SER B 95 20.07 22.59 -15.68
C SER B 95 21.17 23.37 -15.00
N ASN B 96 21.76 22.79 -13.95
CA ASN B 96 22.83 23.48 -13.21
C ASN B 96 24.22 23.29 -13.83
N SER B 97 25.20 24.04 -13.33
CA SER B 97 26.55 23.93 -13.86
C SER B 97 27.21 22.67 -13.31
N CYS B 98 26.65 21.51 -13.66
CA CYS B 98 27.17 20.21 -13.21
C CYS B 98 26.72 19.06 -14.09
N GLY B 99 26.14 19.37 -15.25
CA GLY B 99 25.67 18.33 -16.14
C GLY B 99 24.39 17.66 -15.64
N ASP B 100 23.71 18.33 -14.72
CA ASP B 100 22.49 17.79 -14.17
C ASP B 100 21.27 18.49 -14.75
N VAL B 101 20.16 17.76 -14.78
CA VAL B 101 18.90 18.25 -15.30
C VAL B 101 17.72 17.80 -14.46
N TYR B 102 16.81 18.71 -14.17
CA TYR B 102 15.64 18.39 -13.38
C TYR B 102 14.40 18.96 -14.05
N LEU B 103 13.22 18.48 -13.64
CA LEU B 103 11.96 18.94 -14.18
C LEU B 103 11.05 19.43 -13.06
N PHE B 104 10.21 20.41 -13.36
CA PHE B 104 9.28 20.95 -12.38
C PHE B 104 7.93 21.25 -13.04
N GLN B 105 6.92 21.47 -12.21
CA GLN B 105 5.58 21.80 -12.69
C GLN B 105 5.05 22.89 -11.77
N ALA B 106 4.72 24.03 -12.37
CA ALA B 106 4.22 25.16 -11.59
C ALA B 106 2.71 25.18 -11.56
N THR B 107 2.18 25.93 -10.61
CA THR B 107 0.73 26.05 -10.45
C THR B 107 0.14 26.53 -11.77
N SER B 108 0.54 27.72 -12.21
CA SER B 108 0.05 28.29 -13.47
C SER B 108 1.20 28.76 -14.34
N GLN B 109 0.90 29.08 -15.59
CA GLN B 109 1.92 29.57 -16.52
C GLN B 109 2.64 30.76 -15.88
N THR B 110 1.88 31.59 -15.17
CA THR B 110 2.45 32.76 -14.52
C THR B 110 3.35 32.39 -13.35
N ASP B 111 2.99 31.32 -12.63
CA ASP B 111 3.80 30.88 -11.51
C ASP B 111 5.15 30.50 -12.08
N LEU B 112 5.13 29.67 -13.12
CA LEU B 112 6.34 29.22 -13.78
C LEU B 112 7.20 30.43 -14.15
N GLU B 113 6.60 31.39 -14.82
CA GLU B 113 7.34 32.57 -15.20
C GLU B 113 8.00 33.25 -14.00
N ASN B 114 7.34 33.25 -12.84
CA ASN B 114 7.95 33.87 -11.66
C ASN B 114 9.11 33.00 -11.18
N TRP B 115 8.87 31.69 -11.16
CA TRP B 115 9.88 30.72 -10.73
C TRP B 115 11.12 30.82 -11.59
N VAL B 116 10.92 30.86 -12.90
CA VAL B 116 12.04 30.96 -13.80
C VAL B 116 12.82 32.22 -13.46
N THR B 117 12.11 33.35 -13.51
CA THR B 117 12.68 34.64 -13.23
C THR B 117 13.44 34.72 -11.91
N ALA B 118 12.89 34.11 -10.86
CA ALA B 118 13.56 34.13 -9.55
C ALA B 118 14.86 33.33 -9.58
N ILE B 119 14.79 32.10 -10.11
CA ILE B 119 15.96 31.24 -10.21
C ILE B 119 17.07 31.97 -10.95
N HIS B 120 16.77 32.48 -12.15
CA HIS B 120 17.76 33.20 -12.96
C HIS B 120 18.27 34.43 -12.23
N SER B 121 17.37 35.19 -11.63
CA SER B 121 17.76 36.37 -10.88
C SER B 121 18.81 36.02 -9.83
N ALA B 122 18.54 34.98 -9.04
CA ALA B 122 19.46 34.54 -7.99
C ALA B 122 20.83 34.14 -8.54
N CYS B 123 20.88 33.60 -9.75
CA CYS B 123 22.15 33.20 -10.35
C CYS B 123 22.87 34.46 -10.83
N ALA B 124 22.11 35.38 -11.41
CA ALA B 124 22.64 36.62 -11.92
C ALA B 124 23.18 37.48 -10.79
N SER B 125 22.64 37.30 -9.60
CA SER B 125 23.13 38.09 -8.47
C SER B 125 24.43 37.43 -8.00
N LEU B 126 24.35 36.16 -7.63
CA LEU B 126 25.52 35.40 -7.17
C LEU B 126 26.69 35.52 -8.15
N PHE B 127 26.39 35.56 -9.44
CA PHE B 127 27.40 35.68 -10.47
C PHE B 127 28.05 37.06 -10.43
N ALA B 128 27.23 38.09 -10.28
CA ALA B 128 27.73 39.45 -10.22
C ALA B 128 28.53 39.64 -8.95
N LYS B 129 28.08 39.00 -7.87
CA LYS B 129 28.76 39.08 -6.59
C LYS B 129 30.10 38.35 -6.70
N LYS B 130 30.07 37.07 -7.06
CA LYS B 130 31.31 36.29 -7.19
C LYS B 130 32.33 36.95 -8.12
N HIS B 131 31.87 37.91 -8.92
CA HIS B 131 32.75 38.63 -9.83
C HIS B 131 33.09 40.01 -9.26
N GLY B 132 33.00 40.12 -7.94
CA GLY B 132 33.29 41.37 -7.27
C GLY B 132 32.68 42.61 -7.91
N LYS B 133 31.53 42.46 -8.54
CA LYS B 133 30.85 43.59 -9.18
C LYS B 133 29.51 43.89 -8.50
N GLU B 134 29.10 45.16 -8.54
CA GLU B 134 27.86 45.55 -7.89
C GLU B 134 26.72 45.67 -8.90
N ASP B 135 26.96 46.42 -9.98
CA ASP B 135 25.93 46.56 -11.00
C ASP B 135 25.95 45.32 -11.89
N THR B 136 24.93 44.48 -11.77
CA THR B 136 24.84 43.27 -12.54
C THR B 136 24.54 43.47 -14.01
N VAL B 137 23.52 44.26 -14.31
CA VAL B 137 23.14 44.49 -15.69
C VAL B 137 24.30 44.98 -16.54
N ARG B 138 25.34 45.48 -15.90
CA ARG B 138 26.51 45.97 -16.60
C ARG B 138 27.42 44.77 -16.81
N LEU B 139 27.62 44.01 -15.74
CA LEU B 139 28.45 42.82 -15.78
C LEU B 139 27.94 41.84 -16.83
N LEU B 140 26.64 41.54 -16.77
CA LEU B 140 26.04 40.63 -17.72
C LEU B 140 26.27 41.20 -19.11
N LYS B 141 25.81 42.43 -19.34
CA LYS B 141 25.98 43.07 -20.63
C LYS B 141 27.43 43.02 -21.10
N SER B 142 28.37 42.98 -20.16
CA SER B 142 29.78 42.92 -20.54
C SER B 142 30.02 41.54 -21.14
N GLN B 143 29.83 40.53 -20.31
CA GLN B 143 30.00 39.14 -20.70
C GLN B 143 29.60 38.90 -22.15
N THR B 144 28.35 39.22 -22.47
CA THR B 144 27.83 39.01 -23.81
C THR B 144 28.79 39.59 -24.85
N ARG B 145 29.10 40.88 -24.74
CA ARG B 145 30.02 41.50 -25.68
C ARG B 145 31.40 40.85 -25.64
N SER B 146 31.82 40.40 -24.47
CA SER B 146 33.10 39.72 -24.34
C SER B 146 33.03 38.38 -25.04
N LEU B 147 32.01 37.58 -24.67
CA LEU B 147 31.81 36.26 -25.24
C LEU B 147 31.68 36.29 -26.76
N LEU B 148 30.93 37.26 -27.27
CA LEU B 148 30.76 37.40 -28.71
C LEU B 148 32.13 37.53 -29.34
N GLN B 149 32.97 38.37 -28.74
CA GLN B 149 34.31 38.57 -29.25
C GLN B 149 35.10 37.26 -29.17
N LYS B 150 35.09 36.64 -28.00
CA LYS B 150 35.80 35.40 -27.82
C LYS B 150 35.28 34.38 -28.84
N ILE B 151 33.98 34.39 -29.11
CA ILE B 151 33.39 33.45 -30.09
C ILE B 151 33.92 33.75 -31.48
N ASP B 152 33.94 35.02 -31.85
CA ASP B 152 34.46 35.40 -33.15
C ASP B 152 35.94 35.00 -33.28
N MET B 153 36.68 35.12 -32.17
CA MET B 153 38.09 34.76 -32.13
C MET B 153 38.27 33.29 -32.49
N ASP B 154 37.94 32.39 -31.55
CA ASP B 154 38.08 30.95 -31.81
C ASP B 154 37.33 30.56 -33.08
N SER B 155 36.27 31.30 -33.40
CA SER B 155 35.51 31.01 -34.62
C SER B 155 36.45 31.05 -35.83
N LYS B 156 37.33 32.05 -35.85
CA LYS B 156 38.30 32.19 -36.93
C LYS B 156 39.43 31.18 -36.77
N MET B 157 39.81 30.89 -35.52
CA MET B 157 40.86 29.92 -35.24
C MET B 157 40.51 28.63 -35.93
N LYS B 158 39.29 28.15 -35.66
CA LYS B 158 38.85 26.92 -36.26
C LYS B 158 38.93 27.07 -37.78
N LYS B 159 38.29 28.10 -38.31
CA LYS B 159 38.30 28.33 -39.76
C LYS B 159 39.71 28.43 -40.34
N MET B 160 40.71 28.54 -39.45
CA MET B 160 42.13 28.59 -39.85
C MET B 160 42.49 27.18 -40.25
N ALA B 161 42.76 26.37 -39.24
CA ALA B 161 43.12 24.97 -39.42
C ALA B 161 42.33 24.32 -40.56
N GLU B 162 41.04 24.64 -40.67
CA GLU B 162 40.20 24.07 -41.72
C GLU B 162 40.72 24.39 -43.12
N LEU B 163 40.59 25.64 -43.53
CA LEU B 163 41.07 26.08 -44.85
C LEU B 163 42.59 26.09 -44.81
N GLN B 164 43.15 24.98 -44.35
CA GLN B 164 44.58 24.76 -44.22
C GLN B 164 44.80 23.26 -44.19
N LEU B 165 44.16 22.56 -43.24
CA LEU B 165 44.27 21.11 -43.15
C LEU B 165 43.62 20.51 -44.38
N SER B 166 42.73 21.30 -45.00
CA SER B 166 42.08 20.85 -46.22
C SER B 166 43.03 21.30 -47.33
N VAL B 167 44.27 20.87 -47.18
CA VAL B 167 45.37 21.18 -48.10
C VAL B 167 46.47 20.14 -47.88
N VAL B 168 46.85 19.95 -46.62
CA VAL B 168 47.88 18.98 -46.23
C VAL B 168 47.25 17.57 -46.22
N SER B 169 47.22 16.96 -47.40
CA SER B 169 46.65 15.63 -47.59
C SER B 169 47.57 14.50 -47.08
N ASP B 170 48.54 14.87 -46.25
CA ASP B 170 49.49 13.90 -45.67
C ASP B 170 48.81 13.26 -44.46
N PRO B 171 48.16 12.08 -44.65
CA PRO B 171 47.47 11.39 -43.54
C PRO B 171 48.27 11.35 -42.24
N LYS B 172 49.51 11.81 -42.32
CA LYS B 172 50.43 11.89 -41.20
C LYS B 172 49.84 12.82 -40.11
N ASN B 173 49.84 14.12 -40.39
CA ASN B 173 49.31 15.12 -39.48
C ASN B 173 47.84 15.44 -39.78
N ARG B 174 47.31 14.81 -40.83
CA ARG B 174 45.92 15.01 -41.24
C ARG B 174 45.01 14.93 -40.01
N LYS B 175 45.15 13.83 -39.27
CA LYS B 175 44.36 13.63 -38.08
C LYS B 175 44.83 14.59 -36.98
N ALA B 176 46.15 14.70 -36.81
CA ALA B 176 46.74 15.58 -35.81
C ALA B 176 46.08 16.97 -35.74
N ILE B 177 45.78 17.55 -36.90
CA ILE B 177 45.13 18.87 -36.98
C ILE B 177 43.68 18.74 -36.54
N GLU B 178 42.97 17.80 -37.15
CA GLU B 178 41.56 17.54 -36.86
C GLU B 178 41.22 17.44 -35.37
N ASN B 179 42.24 17.35 -34.53
CA ASN B 179 42.05 17.24 -33.09
C ASN B 179 41.97 18.62 -32.46
N GLN B 180 42.27 19.63 -33.27
CA GLN B 180 42.23 21.02 -32.84
C GLN B 180 40.91 21.57 -33.37
N ILE B 181 40.54 21.10 -34.56
CA ILE B 181 39.29 21.51 -35.18
C ILE B 181 38.21 21.06 -34.19
N ARG B 182 38.22 19.77 -33.88
CA ARG B 182 37.25 19.22 -32.95
C ARG B 182 37.34 19.98 -31.64
N GLN B 183 38.54 20.41 -31.28
CA GLN B 183 38.72 21.16 -30.04
C GLN B 183 37.98 22.49 -30.06
N TRP B 184 38.34 23.35 -31.02
CA TRP B 184 37.71 24.67 -31.14
C TRP B 184 36.20 24.54 -31.27
N GLU B 185 35.76 23.62 -32.12
CA GLU B 185 34.34 23.40 -32.32
C GLU B 185 33.66 23.27 -30.96
N GLN B 186 34.39 22.73 -29.97
CA GLN B 186 33.89 22.56 -28.61
C GLN B 186 34.00 23.84 -27.82
N ASN B 187 35.09 24.58 -28.03
CA ASN B 187 35.29 25.85 -27.35
C ASN B 187 34.18 26.80 -27.74
N LEU B 188 33.71 26.62 -28.98
CA LEU B 188 32.64 27.42 -29.50
C LEU B 188 31.28 27.03 -28.91
N GLU B 189 31.08 25.74 -28.64
CA GLU B 189 29.84 25.28 -28.04
C GLU B 189 29.78 25.83 -26.62
N LYS B 190 30.91 25.77 -25.91
CA LYS B 190 31.00 26.28 -24.55
C LYS B 190 30.64 27.77 -24.57
N PHE B 191 31.23 28.50 -25.51
CA PHE B 191 30.98 29.92 -25.64
C PHE B 191 29.52 30.29 -25.91
N HIS B 192 28.90 29.63 -26.89
CA HIS B 192 27.50 29.90 -27.22
C HIS B 192 26.57 29.59 -26.05
N MET B 193 27.00 28.65 -25.21
CA MET B 193 26.21 28.25 -24.05
C MET B 193 26.24 29.35 -23.01
N ASP B 194 27.45 29.76 -22.62
CA ASP B 194 27.58 30.82 -21.65
C ASP B 194 26.83 32.05 -22.15
N LEU B 195 27.01 32.37 -23.43
CA LEU B 195 26.35 33.52 -24.01
C LEU B 195 24.84 33.40 -23.86
N PHE B 196 24.31 32.21 -24.11
CA PHE B 196 22.87 31.97 -23.98
C PHE B 196 22.42 32.19 -22.55
N ARG B 197 23.22 31.73 -21.60
CA ARG B 197 22.90 31.87 -20.20
C ARG B 197 22.89 33.32 -19.80
N MET B 198 23.92 34.06 -20.25
CA MET B 198 24.01 35.49 -19.94
C MET B 198 22.72 36.19 -20.36
N ARG B 199 22.28 35.92 -21.58
CA ARG B 199 21.06 36.53 -22.10
C ARG B 199 19.83 36.10 -21.29
N CYS B 200 19.87 34.88 -20.75
CA CYS B 200 18.76 34.39 -19.95
C CYS B 200 18.69 35.21 -18.67
N TYR B 201 19.83 35.44 -18.04
CA TYR B 201 19.86 36.23 -16.81
C TYR B 201 19.37 37.63 -17.12
N LEU B 202 20.01 38.26 -18.10
CA LEU B 202 19.65 39.60 -18.51
C LEU B 202 18.14 39.76 -18.65
N ALA B 203 17.50 38.90 -19.44
CA ALA B 203 16.05 38.96 -19.65
C ALA B 203 15.27 38.79 -18.35
N SER B 204 15.73 37.87 -17.51
CA SER B 204 15.05 37.63 -16.25
C SER B 204 15.26 38.76 -15.25
N LEU B 205 15.74 39.91 -15.72
CA LEU B 205 15.91 41.06 -14.83
C LEU B 205 15.24 42.21 -15.54
N GLN B 206 15.67 42.46 -16.77
CA GLN B 206 15.08 43.52 -17.57
C GLN B 206 13.70 43.11 -18.08
N GLY B 207 13.22 41.95 -17.66
CA GLY B 207 11.91 41.48 -18.07
C GLY B 207 11.67 41.22 -19.55
N GLY B 208 12.69 41.29 -20.38
CA GLY B 208 12.50 41.02 -21.80
C GLY B 208 12.14 39.56 -22.02
N GLU B 209 11.88 39.16 -23.27
CA GLU B 209 11.56 37.76 -23.53
C GLU B 209 12.85 36.96 -23.47
N LEU B 210 12.72 35.68 -23.15
CA LEU B 210 13.89 34.82 -23.04
C LEU B 210 14.52 34.51 -24.39
N PRO B 211 15.86 34.52 -24.43
CA PRO B 211 16.59 34.23 -25.68
C PRO B 211 16.06 32.98 -26.38
N ASN B 212 15.97 33.06 -27.71
CA ASN B 212 15.47 31.93 -28.48
C ASN B 212 16.42 30.76 -28.36
N PRO B 213 15.89 29.61 -27.93
CA PRO B 213 16.68 28.40 -27.77
C PRO B 213 17.10 27.84 -29.12
N LYS B 214 16.18 27.82 -30.08
CA LYS B 214 16.52 27.28 -31.40
C LYS B 214 17.81 27.91 -31.94
N SER B 215 18.07 29.16 -31.55
CA SER B 215 19.26 29.84 -32.01
C SER B 215 20.51 29.25 -31.40
N LEU B 216 20.38 28.70 -30.20
CA LEU B 216 21.52 28.09 -29.54
C LEU B 216 21.80 26.71 -30.12
N LEU B 217 20.77 25.88 -30.19
CA LEU B 217 20.91 24.54 -30.75
C LEU B 217 21.48 24.61 -32.16
N ALA B 218 21.22 25.72 -32.85
CA ALA B 218 21.74 25.89 -34.20
C ALA B 218 23.26 25.80 -34.20
N ALA B 219 23.86 25.83 -33.02
CA ALA B 219 25.32 25.77 -32.94
C ALA B 219 25.78 24.46 -32.33
N THR B 220 25.00 23.40 -32.50
CA THR B 220 25.40 22.12 -31.94
C THR B 220 26.26 21.34 -32.93
N SER B 221 27.45 20.94 -32.46
CA SER B 221 28.39 20.18 -33.28
C SER B 221 27.72 18.86 -33.63
N ARG B 222 27.82 18.47 -34.89
CA ARG B 222 27.22 17.22 -35.32
C ARG B 222 27.53 16.13 -34.33
N PRO B 223 28.77 16.10 -33.80
CA PRO B 223 29.14 15.08 -32.82
C PRO B 223 28.29 15.20 -31.57
N SER B 224 28.28 16.39 -30.99
CA SER B 224 27.51 16.64 -29.78
C SER B 224 26.04 16.32 -30.02
N LYS B 225 25.59 16.50 -31.26
CA LYS B 225 24.19 16.21 -31.57
C LYS B 225 23.91 14.75 -31.31
N LEU B 226 24.68 13.87 -31.97
CA LEU B 226 24.53 12.42 -31.81
C LEU B 226 24.71 12.06 -30.36
N ALA B 227 25.73 12.67 -29.76
CA ALA B 227 26.05 12.48 -28.36
C ALA B 227 24.76 12.64 -27.55
N LEU B 228 24.09 13.78 -27.74
CA LEU B 228 22.85 14.03 -27.03
C LEU B 228 21.71 13.26 -27.65
N GLY B 229 22.03 12.15 -28.32
CA GLY B 229 21.02 11.33 -28.94
C GLY B 229 20.58 10.22 -27.99
N ARG B 230 21.55 9.64 -27.29
CA ARG B 230 21.28 8.58 -26.34
C ARG B 230 20.80 9.18 -25.02
N LEU B 231 20.37 10.43 -25.09
CA LEU B 231 19.88 11.13 -23.92
C LEU B 231 18.55 11.76 -24.26
N GLY B 232 17.61 10.95 -24.72
CA GLY B 232 16.31 11.48 -25.09
C GLY B 232 16.45 12.27 -26.37
N VAL B 233 15.80 13.43 -26.44
CA VAL B 233 15.89 14.26 -27.64
C VAL B 233 16.82 15.46 -27.45
N LEU B 234 17.08 16.17 -28.54
CA LEU B 234 17.96 17.33 -28.54
C LEU B 234 17.22 18.49 -27.91
N SER B 235 17.79 19.06 -26.85
CA SER B 235 17.18 20.19 -26.16
C SER B 235 18.26 21.15 -25.69
N VAL B 236 17.86 22.36 -25.32
CA VAL B 236 18.83 23.32 -24.83
C VAL B 236 19.34 22.76 -23.51
N SER B 237 18.42 22.42 -22.62
CA SER B 237 18.81 21.88 -21.32
C SER B 237 19.84 20.75 -21.34
N SER B 238 19.72 19.80 -22.28
CA SER B 238 20.68 18.69 -22.35
C SER B 238 22.01 19.16 -22.92
N PHE B 239 21.95 20.08 -23.87
CA PHE B 239 23.14 20.66 -24.48
C PHE B 239 23.96 21.26 -23.36
N HIS B 240 23.28 22.02 -22.49
CA HIS B 240 23.94 22.66 -21.36
C HIS B 240 24.63 21.62 -20.51
N ALA B 241 23.91 20.55 -20.22
CA ALA B 241 24.46 19.47 -19.42
C ALA B 241 25.74 18.98 -20.13
N LEU B 242 25.59 18.57 -21.38
CA LEU B 242 26.71 18.08 -22.18
C LEU B 242 27.92 19.02 -22.18
N VAL B 243 27.69 20.31 -21.96
CA VAL B 243 28.83 21.26 -21.95
C VAL B 243 29.47 21.31 -20.58
N CYS B 244 28.64 21.23 -19.54
CA CYS B 244 29.17 21.25 -18.18
C CYS B 244 30.02 20.00 -17.98
N SER B 245 29.51 18.87 -18.47
CA SER B 245 30.19 17.58 -18.35
C SER B 245 31.66 17.65 -18.78
N ARG B 246 31.96 18.59 -19.67
CA ARG B 246 33.31 18.74 -20.17
C ARG B 246 34.16 19.64 -19.27
N ASP B 247 33.50 20.35 -18.35
CA ASP B 247 34.20 21.26 -17.47
C ASP B 247 34.88 20.56 -16.30
N ASP B 248 36.06 21.05 -15.94
CA ASP B 248 36.86 20.50 -14.85
C ASP B 248 36.41 21.03 -13.48
N VAL C 10 -12.31 27.29 10.01
CA VAL C 10 -13.60 26.57 9.79
C VAL C 10 -13.91 25.63 10.96
N VAL C 11 -15.14 25.67 11.47
CA VAL C 11 -15.52 24.81 12.58
C VAL C 11 -16.47 23.70 12.14
N ARG C 12 -16.05 22.47 12.40
CA ARG C 12 -16.77 21.25 12.04
C ARG C 12 -17.66 20.66 13.13
N LYS C 13 -17.24 20.77 14.39
CA LYS C 13 -18.00 20.22 15.50
C LYS C 13 -17.79 21.07 16.75
N ALA C 14 -18.64 20.87 17.76
CA ALA C 14 -18.57 21.59 19.03
C ALA C 14 -19.61 21.05 20.00
N GLY C 15 -19.19 20.73 21.23
CA GLY C 15 -20.14 20.20 22.20
C GLY C 15 -19.51 19.83 23.54
N TRP C 16 -20.32 19.34 24.47
CA TRP C 16 -19.81 18.99 25.78
C TRP C 16 -19.18 17.61 25.87
N LEU C 17 -17.97 17.56 26.43
CA LEU C 17 -17.22 16.32 26.58
C LEU C 17 -16.54 16.32 27.93
N PHE C 18 -16.04 15.16 28.35
CA PHE C 18 -15.30 15.05 29.60
C PHE C 18 -13.85 14.80 29.18
N PHE C 19 -12.90 15.42 29.89
CA PHE C 19 -11.49 15.27 29.55
C PHE C 19 -10.68 14.53 30.61
N LYS C 20 -9.42 14.24 30.30
CA LYS C 20 -8.55 13.51 31.22
C LYS C 20 -7.35 12.98 30.43
N PRO C 21 -6.28 13.78 30.26
CA PRO C 21 -5.07 13.34 29.53
C PRO C 21 -4.45 12.07 30.12
N LEU C 22 -4.33 11.03 29.29
CA LEU C 22 -3.81 9.74 29.75
C LEU C 22 -2.31 9.51 29.68
N VAL C 23 -1.64 10.00 28.64
CA VAL C 23 -0.20 9.81 28.53
C VAL C 23 0.52 10.93 27.81
N THR C 24 1.55 11.45 28.46
CA THR C 24 2.33 12.52 27.89
C THR C 24 3.78 12.11 27.72
N LEU C 25 4.42 12.67 26.70
CA LEU C 25 5.81 12.39 26.41
C LEU C 25 6.68 13.32 27.24
N GLN C 26 7.09 12.86 28.42
CA GLN C 26 7.91 13.64 29.33
C GLN C 26 9.31 13.85 28.77
N LYS C 27 10.03 14.81 29.35
CA LYS C 27 11.38 15.13 28.93
C LYS C 27 12.19 13.88 28.60
N GLU C 28 12.99 13.96 27.53
CA GLU C 28 13.85 12.85 27.10
C GLU C 28 13.09 11.66 26.50
N ARG C 29 12.08 11.94 25.67
CA ARG C 29 11.29 10.89 25.03
C ARG C 29 11.02 9.72 25.97
N LYS C 30 10.28 10.00 27.04
CA LYS C 30 9.92 9.02 28.06
C LYS C 30 8.44 9.17 28.34
N LEU C 31 7.62 8.35 27.69
CA LEU C 31 6.17 8.40 27.85
C LEU C 31 5.77 8.16 29.31
N GLU C 32 4.96 9.06 29.87
CA GLU C 32 4.53 8.91 31.25
C GLU C 32 3.04 8.72 31.40
N LEU C 33 2.67 7.90 32.39
CA LEU C 33 1.29 7.59 32.69
C LEU C 33 0.49 8.80 33.20
N VAL C 34 1.19 9.94 33.33
CA VAL C 34 0.61 11.21 33.79
C VAL C 34 -0.13 11.24 35.14
N ALA C 35 0.00 12.38 35.81
CA ALA C 35 -0.62 12.61 37.12
C ALA C 35 -2.10 12.28 37.12
N ARG C 36 -2.42 11.06 37.56
CA ARG C 36 -3.78 10.55 37.63
C ARG C 36 -4.87 11.54 38.07
N ARG C 37 -5.16 12.53 37.21
CA ARG C 37 -6.18 13.56 37.46
C ARG C 37 -7.58 12.94 37.47
N LYS C 38 -8.60 13.75 37.19
CA LYS C 38 -9.98 13.26 37.18
C LYS C 38 -10.82 13.87 36.07
N TRP C 39 -11.86 13.15 35.67
CA TRP C 39 -12.75 13.61 34.60
C TRP C 39 -13.34 14.98 34.90
N LYS C 40 -13.29 15.86 33.92
CA LYS C 40 -13.82 17.21 34.07
C LYS C 40 -14.37 17.77 32.76
N GLN C 41 -15.68 18.02 32.72
CA GLN C 41 -16.35 18.55 31.52
C GLN C 41 -15.65 19.71 30.81
N TYR C 42 -16.13 20.01 29.62
CA TYR C 42 -15.56 21.07 28.79
C TYR C 42 -16.36 21.23 27.52
N TRP C 43 -16.65 22.49 27.17
CA TRP C 43 -17.35 22.77 25.94
C TRP C 43 -16.21 22.82 24.92
N VAL C 44 -16.07 21.75 24.13
CA VAL C 44 -15.01 21.64 23.14
C VAL C 44 -15.44 21.98 21.73
N THR C 45 -14.55 22.64 21.00
CA THR C 45 -14.83 23.04 19.63
C THR C 45 -13.71 22.72 18.66
N LEU C 46 -14.05 21.93 17.65
CA LEU C 46 -13.08 21.56 16.64
C LEU C 46 -13.11 22.59 15.54
N LYS C 47 -12.14 23.48 15.56
CA LYS C 47 -12.04 24.51 14.55
C LYS C 47 -10.83 24.10 13.71
N GLY C 48 -11.04 23.94 12.42
CA GLY C 48 -9.96 23.53 11.55
C GLY C 48 -9.41 22.16 11.93
N CYS C 49 -8.37 22.16 12.75
CA CYS C 49 -7.74 20.92 13.19
C CYS C 49 -7.20 21.11 14.63
N THR C 50 -7.88 21.98 15.38
CA THR C 50 -7.48 22.28 16.75
C THR C 50 -8.66 22.22 17.70
N LEU C 51 -8.43 21.60 18.85
CA LEU C 51 -9.49 21.47 19.85
C LEU C 51 -9.39 22.48 20.97
N LEU C 52 -10.25 23.49 20.92
CA LEU C 52 -10.27 24.54 21.93
C LEU C 52 -11.22 24.14 23.06
N PHE C 53 -10.77 24.23 24.30
CA PHE C 53 -11.62 23.89 25.43
C PHE C 53 -12.09 25.13 26.18
N TYR C 54 -13.32 25.10 26.66
CA TYR C 54 -13.86 26.23 27.40
C TYR C 54 -14.46 25.70 28.69
N GLU C 55 -14.44 26.52 29.74
CA GLU C 55 -14.97 26.13 31.05
C GLU C 55 -16.48 26.39 31.17
N THR C 56 -16.94 27.43 30.48
CA THR C 56 -18.34 27.81 30.50
C THR C 56 -18.92 27.91 29.08
N TYR C 57 -20.18 27.46 28.94
CA TYR C 57 -20.90 27.47 27.66
C TYR C 57 -20.46 28.59 26.70
N SER C 66 -15.32 33.37 27.82
CA SER C 66 -15.00 33.34 26.40
C SER C 66 -13.51 33.12 26.18
N ALA C 67 -12.82 32.67 27.23
CA ALA C 67 -11.38 32.41 27.18
C ALA C 67 -11.08 30.90 27.19
N PRO C 68 -10.34 30.42 26.16
CA PRO C 68 -9.97 29.00 26.06
C PRO C 68 -9.12 28.51 27.23
N ARG C 69 -9.69 27.70 28.13
CA ARG C 69 -8.91 27.17 29.26
C ARG C 69 -7.61 26.55 28.77
N CYS C 70 -7.70 25.83 27.64
CA CYS C 70 -6.55 25.18 27.01
C CYS C 70 -6.89 24.68 25.61
N ALA C 71 -5.93 24.78 24.70
CA ALA C 71 -6.14 24.33 23.33
C ALA C 71 -5.42 23.02 23.08
N LEU C 72 -5.70 22.39 21.94
CA LEU C 72 -5.09 21.11 21.60
C LEU C 72 -5.09 20.87 20.09
N PHE C 73 -3.89 20.79 19.54
CA PHE C 73 -3.70 20.58 18.12
C PHE C 73 -3.73 19.09 17.85
N ALA C 74 -4.41 18.68 16.79
CA ALA C 74 -4.52 17.26 16.49
C ALA C 74 -4.22 16.86 15.06
N GLU C 75 -3.27 17.53 14.44
CA GLU C 75 -2.92 17.14 13.08
C GLU C 75 -2.39 15.69 13.09
N ASP C 76 -2.74 14.93 12.06
CA ASP C 76 -2.32 13.54 11.95
C ASP C 76 -2.47 12.76 13.26
N SER C 77 -3.67 12.83 13.84
CA SER C 77 -3.97 12.12 15.10
C SER C 77 -4.74 10.87 14.80
N ILE C 78 -4.91 10.04 15.83
CA ILE C 78 -5.65 8.80 15.69
C ILE C 78 -6.62 8.63 16.83
N VAL C 79 -7.90 8.77 16.51
CA VAL C 79 -8.95 8.63 17.50
C VAL C 79 -9.47 7.20 17.51
N GLN C 80 -9.58 6.63 18.71
CA GLN C 80 -10.06 5.26 18.86
C GLN C 80 -11.07 5.10 20.01
N SER C 81 -12.17 4.41 19.75
CA SER C 81 -13.18 4.21 20.78
C SER C 81 -12.62 3.32 21.87
N VAL C 82 -13.22 3.40 23.05
CA VAL C 82 -12.75 2.61 24.18
C VAL C 82 -13.91 1.97 24.93
N PRO C 83 -14.75 1.22 24.21
CA PRO C 83 -15.86 0.60 24.91
C PRO C 83 -15.45 -0.41 25.99
N GLU C 84 -14.31 -1.07 25.83
CA GLU C 84 -13.91 -2.05 26.84
C GLU C 84 -13.68 -1.36 28.18
N HIS C 85 -13.61 -0.04 28.16
CA HIS C 85 -13.38 0.75 29.37
C HIS C 85 -14.16 0.23 30.58
N PRO C 86 -13.48 0.09 31.73
CA PRO C 86 -14.05 -0.40 33.00
C PRO C 86 -15.25 0.34 33.60
N LYS C 87 -15.00 1.56 34.07
CA LYS C 87 -16.03 2.37 34.71
C LYS C 87 -17.09 2.95 33.75
N LYS C 88 -16.75 4.08 33.14
CA LYS C 88 -17.67 4.78 32.23
C LYS C 88 -17.78 4.20 30.82
N GLU C 89 -18.77 4.67 30.06
CA GLU C 89 -18.99 4.23 28.68
C GLU C 89 -18.78 5.40 27.74
N HIS C 90 -19.00 5.18 26.46
CA HIS C 90 -18.85 6.25 25.48
C HIS C 90 -17.49 6.92 25.53
N VAL C 91 -16.47 6.17 25.92
CA VAL C 91 -15.11 6.68 26.00
C VAL C 91 -14.44 6.62 24.65
N PHE C 92 -13.62 7.61 24.33
CA PHE C 92 -12.88 7.56 23.08
C PHE C 92 -11.56 8.26 23.28
N CYS C 93 -10.49 7.57 22.89
CA CYS C 93 -9.14 8.07 23.07
C CYS C 93 -8.46 8.60 21.82
N LEU C 94 -7.84 9.78 21.97
CA LEU C 94 -7.13 10.42 20.86
C LEU C 94 -5.64 10.41 21.15
N SER C 95 -4.86 10.25 20.09
CA SER C 95 -3.40 10.24 20.16
C SER C 95 -2.87 11.08 19.01
N ASN C 96 -2.22 12.21 19.33
CA ASN C 96 -1.68 13.11 18.32
C ASN C 96 -0.28 12.74 17.91
N SER C 97 0.21 13.35 16.84
CA SER C 97 1.55 13.06 16.36
C SER C 97 2.58 13.74 17.26
N CYS C 98 2.61 13.34 18.53
CA CYS C 98 3.54 13.89 19.52
C CYS C 98 3.75 12.96 20.71
N GLY C 99 3.27 11.73 20.61
CA GLY C 99 3.43 10.78 21.69
C GLY C 99 2.50 11.09 22.85
N ASP C 100 1.47 11.88 22.57
CA ASP C 100 0.51 12.24 23.60
C ASP C 100 -0.78 11.46 23.45
N VAL C 101 -1.45 11.27 24.58
CA VAL C 101 -2.70 10.54 24.63
C VAL C 101 -3.69 11.19 25.60
N TYR C 102 -4.94 11.33 25.16
CA TYR C 102 -5.97 11.93 25.99
C TYR C 102 -7.22 11.06 25.93
N LEU C 103 -8.13 11.30 26.88
CA LEU C 103 -9.37 10.55 26.93
C LEU C 103 -10.57 11.50 26.92
N PHE C 104 -11.68 11.04 26.38
CA PHE C 104 -12.89 11.86 26.32
C PHE C 104 -14.11 10.98 26.57
N GLN C 105 -15.25 11.63 26.84
CA GLN C 105 -16.53 10.96 27.08
C GLN C 105 -17.60 11.76 26.36
N ALA C 106 -18.26 11.11 25.42
CA ALA C 106 -19.30 11.77 24.63
C ALA C 106 -20.65 11.57 25.26
N THR C 107 -21.59 12.39 24.83
CA THR C 107 -22.97 12.32 25.32
C THR C 107 -23.52 10.91 25.08
N SER C 108 -23.56 10.51 23.82
CA SER C 108 -24.05 9.18 23.45
C SER C 108 -23.07 8.50 22.50
N GLN C 109 -23.30 7.22 22.25
CA GLN C 109 -22.46 6.45 21.35
C GLN C 109 -22.41 7.17 20.01
N THR C 110 -23.56 7.73 19.60
CA THR C 110 -23.64 8.44 18.33
C THR C 110 -22.85 9.74 18.36
N ASP C 111 -22.82 10.40 19.51
CA ASP C 111 -22.08 11.66 19.63
C ASP C 111 -20.63 11.31 19.37
N LEU C 112 -20.13 10.30 20.10
CA LEU C 112 -18.76 9.85 19.95
C LEU C 112 -18.43 9.60 18.48
N GLU C 113 -19.26 8.81 17.83
CA GLU C 113 -19.04 8.53 16.43
C GLU C 113 -18.93 9.80 15.60
N ASN C 114 -19.70 10.83 15.92
CA ASN C 114 -19.58 12.08 15.15
C ASN C 114 -18.26 12.76 15.50
N TRP C 115 -17.93 12.78 16.79
CA TRP C 115 -16.69 13.37 17.28
C TRP C 115 -15.49 12.73 16.61
N VAL C 116 -15.49 11.41 16.60
CA VAL C 116 -14.39 10.67 15.98
C VAL C 116 -14.27 11.13 14.55
N THR C 117 -15.36 10.93 13.83
CA THR C 117 -15.44 11.29 12.43
C THR C 117 -15.00 12.71 12.11
N ALA C 118 -15.37 13.67 12.94
CA ALA C 118 -14.99 15.05 12.70
C ALA C 118 -13.48 15.23 12.87
N ILE C 119 -12.97 14.75 14.00
CA ILE C 119 -11.55 14.86 14.28
C ILE C 119 -10.74 14.29 13.13
N HIS C 120 -11.05 13.05 12.73
CA HIS C 120 -10.34 12.40 11.65
C HIS C 120 -10.50 13.18 10.36
N SER C 121 -11.72 13.61 10.08
CA SER C 121 -11.97 14.38 8.87
C SER C 121 -11.04 15.58 8.80
N ALA C 122 -10.96 16.31 9.90
CA ALA C 122 -10.12 17.50 9.96
C ALA C 122 -8.64 17.20 9.69
N CYS C 123 -8.18 16.02 10.12
CA CYS C 123 -6.80 15.63 9.91
C CYS C 123 -6.60 15.25 8.47
N ALA C 124 -7.60 14.56 7.93
CA ALA C 124 -7.56 14.12 6.54
C ALA C 124 -7.63 15.30 5.58
N SER C 125 -8.17 16.42 6.05
CA SER C 125 -8.25 17.58 5.19
C SER C 125 -6.88 18.25 5.25
N LEU C 126 -6.47 18.61 6.46
CA LEU C 126 -5.17 19.26 6.70
C LEU C 126 -4.02 18.51 6.02
N PHE C 127 -4.08 17.18 6.09
CA PHE C 127 -3.07 16.31 5.51
C PHE C 127 -3.10 16.42 3.99
N ALA C 128 -4.30 16.43 3.40
CA ALA C 128 -4.43 16.53 1.95
C ALA C 128 -3.99 17.92 1.50
N LYS C 129 -4.27 18.90 2.34
CA LYS C 129 -3.88 20.27 2.04
C LYS C 129 -2.36 20.37 2.13
N LYS C 130 -1.80 20.07 3.30
CA LYS C 130 -0.36 20.15 3.48
C LYS C 130 0.42 19.39 2.41
N HIS C 131 -0.27 18.51 1.68
CA HIS C 131 0.37 17.74 0.62
C HIS C 131 -0.02 18.30 -0.73
N GLY C 132 -0.35 19.59 -0.73
CA GLY C 132 -0.72 20.29 -1.94
C GLY C 132 -1.67 19.53 -2.85
N LYS C 133 -2.56 18.73 -2.25
CA LYS C 133 -3.52 17.97 -3.04
C LYS C 133 -4.95 18.42 -2.71
N GLU C 134 -5.83 18.31 -3.71
CA GLU C 134 -7.21 18.73 -3.52
C GLU C 134 -8.11 17.56 -3.19
N ASP C 135 -8.08 16.52 -4.03
CA ASP C 135 -8.91 15.35 -3.78
C ASP C 135 -8.24 14.50 -2.72
N THR C 136 -8.84 14.46 -1.52
CA THR C 136 -8.28 13.70 -0.41
C THR C 136 -8.41 12.19 -0.54
N VAL C 137 -9.61 11.72 -0.85
CA VAL C 137 -9.83 10.29 -0.98
C VAL C 137 -8.87 9.62 -1.96
N ARG C 138 -8.23 10.42 -2.81
CA ARG C 138 -7.28 9.90 -3.78
C ARG C 138 -5.93 9.86 -3.09
N LEU C 139 -5.61 10.96 -2.41
CA LEU C 139 -4.35 11.09 -1.66
C LEU C 139 -4.26 9.99 -0.61
N LEU C 140 -5.30 9.86 0.20
CA LEU C 140 -5.32 8.83 1.22
C LEU C 140 -5.14 7.49 0.54
N LYS C 141 -6.04 7.16 -0.38
CA LYS C 141 -5.94 5.89 -1.09
C LYS C 141 -4.53 5.67 -1.68
N SER C 142 -3.83 6.75 -2.00
CA SER C 142 -2.48 6.60 -2.54
C SER C 142 -1.61 6.07 -1.41
N GLN C 143 -1.45 6.89 -0.40
CA GLN C 143 -0.67 6.54 0.79
C GLN C 143 -0.73 5.05 1.11
N THR C 144 -1.93 4.55 1.34
CA THR C 144 -2.08 3.15 1.65
C THR C 144 -1.30 2.28 0.67
N ARG C 145 -1.60 2.38 -0.62
CA ARG C 145 -0.89 1.58 -1.61
C ARG C 145 0.60 1.86 -1.59
N SER C 146 0.97 3.10 -1.26
CA SER C 146 2.39 3.43 -1.19
C SER C 146 3.00 2.75 0.03
N LEU C 147 2.39 2.99 1.19
CA LEU C 147 2.85 2.40 2.44
C LEU C 147 2.94 0.89 2.38
N LEU C 148 1.94 0.25 1.79
CA LEU C 148 1.95 -1.20 1.68
C LEU C 148 3.21 -1.60 0.95
N GLN C 149 3.52 -0.88 -0.13
CA GLN C 149 4.72 -1.19 -0.92
C GLN C 149 5.95 -0.98 -0.07
N LYS C 150 6.04 0.19 0.56
CA LYS C 150 7.17 0.51 1.44
C LYS C 150 7.27 -0.54 2.54
N ILE C 151 6.13 -1.03 3.02
CA ILE C 151 6.14 -2.06 4.06
C ILE C 151 6.72 -3.35 3.50
N ASP C 152 6.25 -3.74 2.32
CA ASP C 152 6.76 -4.95 1.71
C ASP C 152 8.27 -4.84 1.46
N MET C 153 8.71 -3.64 1.10
CA MET C 153 10.14 -3.39 0.85
C MET C 153 10.96 -3.66 2.09
N ASP C 154 10.90 -2.77 3.08
CA ASP C 154 11.65 -2.99 4.31
C ASP C 154 11.31 -4.36 4.92
N SER C 155 10.11 -4.85 4.68
CA SER C 155 9.76 -6.17 5.21
C SER C 155 10.77 -7.20 4.71
N LYS C 156 11.13 -7.12 3.44
CA LYS C 156 12.12 -8.03 2.86
C LYS C 156 13.52 -7.67 3.29
N MET C 157 13.79 -6.38 3.46
CA MET C 157 15.12 -5.93 3.91
C MET C 157 15.43 -6.63 5.23
N LYS C 158 14.50 -6.55 6.17
CA LYS C 158 14.70 -7.19 7.45
C LYS C 158 14.94 -8.67 7.19
N LYS C 159 14.00 -9.32 6.51
CA LYS C 159 14.15 -10.75 6.22
C LYS C 159 15.47 -11.11 5.50
N MET C 160 16.20 -10.08 5.05
CA MET C 160 17.50 -10.26 4.38
C MET C 160 18.45 -10.57 5.51
N ALA C 161 18.90 -9.50 6.17
CA ALA C 161 19.82 -9.58 7.28
C ALA C 161 19.55 -10.83 8.13
N GLU C 162 18.28 -11.13 8.38
CA GLU C 162 17.93 -12.29 9.19
C GLU C 162 18.47 -13.59 8.61
N LEU C 163 17.90 -14.04 7.51
CA LEU C 163 18.34 -15.27 6.86
C LEU C 163 19.69 -14.99 6.21
N GLN C 164 20.60 -14.46 7.03
CA GLN C 164 21.95 -14.11 6.65
C GLN C 164 22.76 -14.03 7.94
N LEU C 165 22.34 -13.17 8.87
CA LEU C 165 23.03 -13.04 10.14
C LEU C 165 22.87 -14.34 10.89
N SER C 166 21.87 -15.11 10.51
CA SER C 166 21.66 -16.40 11.14
C SER C 166 22.50 -17.33 10.29
N VAL C 167 23.77 -16.98 10.16
CA VAL C 167 24.75 -17.72 9.38
C VAL C 167 26.13 -17.31 9.87
N VAL C 168 26.36 -16.00 9.94
CA VAL C 168 27.62 -15.46 10.42
C VAL C 168 27.63 -15.53 11.95
N SER C 169 28.07 -16.67 12.47
CA SER C 169 28.14 -16.92 13.92
C SER C 169 29.36 -16.25 14.58
N ASP C 170 29.96 -15.28 13.88
CA ASP C 170 31.12 -14.55 14.38
C ASP C 170 30.61 -13.45 15.32
N PRO C 171 30.52 -13.72 16.63
CA PRO C 171 30.02 -12.72 17.60
C PRO C 171 30.55 -11.30 17.37
N LYS C 172 31.48 -11.20 16.43
CA LYS C 172 32.10 -9.95 16.02
C LYS C 172 31.02 -8.99 15.47
N ASN C 173 30.52 -9.30 14.28
CA ASN C 173 29.49 -8.50 13.62
C ASN C 173 28.09 -9.02 13.93
N ARG C 174 28.04 -10.13 14.66
CA ARG C 174 26.77 -10.74 15.05
C ARG C 174 25.80 -9.68 15.57
N LYS C 175 26.28 -8.90 16.55
CA LYS C 175 25.47 -7.85 17.13
C LYS C 175 25.33 -6.72 16.12
N ALA C 176 26.45 -6.36 15.48
CA ALA C 176 26.46 -5.28 14.48
C ALA C 176 25.27 -5.34 13.50
N ILE C 177 24.93 -6.55 13.04
CA ILE C 177 23.81 -6.74 12.12
C ILE C 177 22.50 -6.54 12.86
N GLU C 178 22.34 -7.25 13.96
CA GLU C 178 21.16 -7.18 14.79
C GLU C 178 20.68 -5.76 15.08
N ASN C 179 21.51 -4.76 14.79
CA ASN C 179 21.16 -3.36 15.05
C ASN C 179 20.43 -2.78 13.85
N GLN C 180 20.37 -3.56 12.77
CA GLN C 180 19.68 -3.15 11.55
C GLN C 180 18.35 -3.89 11.58
N ILE C 181 18.38 -5.11 12.09
CA ILE C 181 17.19 -5.92 12.22
C ILE C 181 16.29 -5.11 13.12
N ARG C 182 16.79 -4.77 14.31
CA ARG C 182 16.01 -4.02 15.26
C ARG C 182 15.56 -2.74 14.59
N GLN C 183 16.41 -2.18 13.73
CA GLN C 183 16.07 -0.94 13.03
C GLN C 183 14.87 -1.11 12.12
N TRP C 184 14.97 -2.03 11.16
CA TRP C 184 13.87 -2.27 10.23
C TRP C 184 12.58 -2.62 10.96
N GLU C 185 12.70 -3.51 11.94
CA GLU C 185 11.56 -3.92 12.73
C GLU C 185 10.80 -2.68 13.18
N GLN C 186 11.53 -1.61 13.41
CA GLN C 186 10.93 -0.35 13.84
C GLN C 186 10.38 0.42 12.65
N ASN C 187 11.09 0.38 11.53
CA ASN C 187 10.63 1.06 10.33
C ASN C 187 9.29 0.47 9.93
N LEU C 188 9.13 -0.81 10.21
CA LEU C 188 7.92 -1.51 9.90
C LEU C 188 6.80 -1.12 10.86
N GLU C 189 7.14 -0.87 12.13
CA GLU C 189 6.12 -0.45 13.08
C GLU C 189 5.61 0.93 12.68
N LYS C 190 6.54 1.80 12.28
CA LYS C 190 6.19 3.14 11.86
C LYS C 190 5.25 3.03 10.67
N PHE C 191 5.62 2.20 9.71
CA PHE C 191 4.81 2.02 8.51
C PHE C 191 3.40 1.52 8.77
N HIS C 192 3.26 0.48 9.59
CA HIS C 192 1.96 -0.09 9.91
C HIS C 192 1.07 0.93 10.62
N MET C 193 1.72 1.83 11.36
CA MET C 193 1.01 2.86 12.09
C MET C 193 0.43 3.85 11.11
N ASP C 194 1.28 4.44 10.28
CA ASP C 194 0.80 5.39 9.29
C ASP C 194 -0.30 4.73 8.46
N LEU C 195 -0.08 3.48 8.06
CA LEU C 195 -1.08 2.78 7.27
C LEU C 195 -2.40 2.69 8.01
N PHE C 196 -2.34 2.40 9.30
CA PHE C 196 -3.56 2.31 10.09
C PHE C 196 -4.30 3.64 10.14
N ARG C 197 -3.53 4.73 10.28
CA ARG C 197 -4.10 6.07 10.35
C ARG C 197 -4.75 6.40 9.03
N MET C 198 -4.05 6.13 7.94
CA MET C 198 -4.63 6.42 6.64
C MET C 198 -6.01 5.79 6.53
N ARG C 199 -6.11 4.51 6.93
CA ARG C 199 -7.36 3.79 6.86
C ARG C 199 -8.39 4.38 7.80
N CYS C 200 -7.94 4.98 8.89
CA CYS C 200 -8.86 5.61 9.82
C CYS C 200 -9.47 6.85 9.18
N TYR C 201 -8.64 7.64 8.51
CA TYR C 201 -9.13 8.82 7.83
C TYR C 201 -10.11 8.39 6.77
N LEU C 202 -9.64 7.52 5.88
CA LEU C 202 -10.47 7.03 4.80
C LEU C 202 -11.87 6.65 5.27
N ALA C 203 -11.95 5.80 6.29
CA ALA C 203 -13.26 5.38 6.81
C ALA C 203 -14.09 6.53 7.35
N SER C 204 -13.43 7.45 8.04
CA SER C 204 -14.13 8.60 8.59
C SER C 204 -14.54 9.61 7.52
N LEU C 205 -14.53 9.20 6.26
CA LEU C 205 -14.96 10.06 5.17
C LEU C 205 -15.94 9.23 4.38
N GLN C 206 -15.47 8.09 3.92
CA GLN C 206 -16.32 7.20 3.17
C GLN C 206 -17.32 6.48 4.09
N GLY C 207 -17.32 6.84 5.37
CA GLY C 207 -18.24 6.24 6.31
C GLY C 207 -18.14 4.73 6.57
N GLY C 208 -17.11 4.09 6.05
CA GLY C 208 -16.98 2.66 6.29
C GLY C 208 -16.65 2.41 7.75
N GLU C 209 -16.52 1.14 8.16
CA GLU C 209 -16.19 0.87 9.56
C GLU C 209 -14.70 1.16 9.76
N LEU C 210 -14.35 1.47 10.99
CA LEU C 210 -12.96 1.77 11.29
C LEU C 210 -12.04 0.54 11.26
N PRO C 211 -10.85 0.69 10.65
CA PRO C 211 -9.88 -0.41 10.55
C PRO C 211 -9.72 -1.14 11.86
N ASN C 212 -9.62 -2.46 11.79
CA ASN C 212 -9.48 -3.27 12.98
C ASN C 212 -8.15 -2.99 13.65
N PRO C 213 -8.21 -2.65 14.95
CA PRO C 213 -7.02 -2.34 15.73
C PRO C 213 -6.21 -3.60 16.04
N LYS C 214 -6.88 -4.70 16.34
CA LYS C 214 -6.17 -5.91 16.64
C LYS C 214 -5.17 -6.22 15.51
N SER C 215 -5.54 -5.88 14.28
CA SER C 215 -4.67 -6.14 13.14
C SER C 215 -3.39 -5.33 13.20
N LEU C 216 -3.45 -4.18 13.84
CA LEU C 216 -2.28 -3.34 13.91
C LEU C 216 -1.41 -3.84 15.03
N LEU C 217 -2.01 -4.05 16.19
CA LEU C 217 -1.23 -4.54 17.31
C LEU C 217 -0.52 -5.83 16.96
N ALA C 218 -1.10 -6.57 16.02
CA ALA C 218 -0.49 -7.81 15.61
C ALA C 218 0.92 -7.58 15.05
N ALA C 219 1.29 -6.32 14.82
CA ALA C 219 2.62 -6.04 14.28
C ALA C 219 3.47 -5.33 15.30
N THR C 220 3.23 -5.58 16.57
CA THR C 220 4.03 -4.93 17.59
C THR C 220 5.27 -5.74 17.89
N SER C 221 6.43 -5.10 17.79
CA SER C 221 7.71 -5.76 18.05
C SER C 221 7.70 -6.20 19.51
N ARG C 222 8.18 -7.41 19.76
CA ARG C 222 8.22 -7.91 21.13
C ARG C 222 8.82 -6.85 22.05
N PRO C 223 9.84 -6.14 21.59
CA PRO C 223 10.47 -5.09 22.41
C PRO C 223 9.46 -3.98 22.71
N SER C 224 8.88 -3.41 21.65
CA SER C 224 7.88 -2.36 21.80
C SER C 224 6.73 -2.84 22.69
N LYS C 225 6.43 -4.14 22.65
CA LYS C 225 5.35 -4.66 23.48
C LYS C 225 5.67 -4.42 24.95
N LEU C 226 6.83 -4.92 25.38
CA LEU C 226 7.28 -4.77 26.76
C LEU C 226 7.39 -3.29 27.09
N ALA C 227 7.95 -2.54 26.14
CA ALA C 227 8.10 -1.09 26.27
C ALA C 227 6.75 -0.50 26.69
N LEU C 228 5.70 -0.81 25.94
CA LEU C 228 4.38 -0.32 26.26
C LEU C 228 3.76 -1.13 27.40
N GLY C 229 4.62 -1.70 28.24
CA GLY C 229 4.15 -2.46 29.38
C GLY C 229 4.08 -1.58 30.62
N ARG C 230 5.09 -0.72 30.77
CA ARG C 230 5.16 0.21 31.90
C ARG C 230 4.29 1.42 31.62
N LEU C 231 3.37 1.28 30.66
CA LEU C 231 2.46 2.35 30.28
C LEU C 231 1.04 1.78 30.22
N GLY C 232 0.62 1.17 31.34
CA GLY C 232 -0.69 0.58 31.37
C GLY C 232 -0.70 -0.68 30.53
N VAL C 233 -1.75 -0.87 29.75
CA VAL C 233 -1.85 -2.05 28.90
C VAL C 233 -1.54 -1.73 27.43
N LEU C 234 -1.45 -2.78 26.63
CA LEU C 234 -1.16 -2.65 25.22
C LEU C 234 -2.41 -2.17 24.50
N SER C 235 -2.29 -1.06 23.80
CA SER C 235 -3.41 -0.49 23.06
C SER C 235 -2.92 0.14 21.76
N VAL C 236 -3.84 0.37 20.84
CA VAL C 236 -3.43 1.00 19.59
C VAL C 236 -2.93 2.38 19.95
N SER C 237 -3.74 3.15 20.68
CA SER C 237 -3.37 4.50 21.06
C SER C 237 -1.97 4.65 21.65
N SER C 238 -1.56 3.74 22.54
CA SER C 238 -0.23 3.83 23.14
C SER C 238 0.85 3.49 22.12
N PHE C 239 0.56 2.51 21.28
CA PHE C 239 1.47 2.09 20.24
C PHE C 239 1.78 3.32 19.40
N HIS C 240 0.73 4.07 19.05
CA HIS C 240 0.88 5.26 18.24
C HIS C 240 1.81 6.22 18.93
N ALA C 241 1.58 6.40 20.22
CA ALA C 241 2.41 7.29 21.01
C ALA C 241 3.86 6.83 20.88
N LEU C 242 4.07 5.58 21.25
CA LEU C 242 5.40 4.96 21.19
C LEU C 242 6.09 5.16 19.84
N VAL C 243 5.32 5.30 18.77
CA VAL C 243 5.92 5.48 17.45
C VAL C 243 6.26 6.94 17.20
N CYS C 244 5.42 7.83 17.68
CA CYS C 244 5.68 9.24 17.49
C CYS C 244 6.94 9.60 18.28
N SER C 245 7.03 9.07 19.49
CA SER C 245 8.16 9.33 20.38
C SER C 245 9.51 9.12 19.70
N ARG C 246 9.52 8.29 18.67
CA ARG C 246 10.73 8.00 17.95
C ARG C 246 10.95 9.00 16.83
N ASP C 247 9.94 9.79 16.52
CA ASP C 247 10.06 10.75 15.43
C ASP C 247 10.79 12.03 15.84
N ASP C 248 11.59 12.56 14.91
CA ASP C 248 12.38 13.77 15.14
C ASP C 248 11.55 15.03 14.91
N VAL D 10 -13.15 -35.37 8.44
CA VAL D 10 -12.22 -34.59 7.58
C VAL D 10 -11.30 -33.70 8.43
N VAL D 11 -9.99 -33.72 8.13
CA VAL D 11 -9.03 -32.90 8.88
C VAL D 11 -8.50 -31.74 8.06
N ARG D 12 -8.70 -30.53 8.60
CA ARG D 12 -8.33 -29.29 7.95
C ARG D 12 -6.97 -28.73 8.37
N LYS D 13 -6.60 -28.93 9.64
CA LYS D 13 -5.34 -28.40 10.16
C LYS D 13 -4.81 -29.30 11.27
N ALA D 14 -3.54 -29.14 11.59
CA ALA D 14 -2.88 -29.91 12.64
C ALA D 14 -1.47 -29.36 12.87
N GLY D 15 -1.10 -29.16 14.14
CA GLY D 15 0.22 -28.64 14.46
C GLY D 15 0.46 -28.37 15.94
N TRP D 16 1.67 -27.88 16.26
CA TRP D 16 2.01 -27.62 17.65
C TRP D 16 1.53 -26.28 18.14
N LEU D 17 0.85 -26.29 19.29
CA LEU D 17 0.33 -25.09 19.95
C LEU D 17 0.51 -25.18 21.45
N PHE D 18 0.40 -24.06 22.14
CA PHE D 18 0.48 -24.03 23.59
C PHE D 18 -0.93 -23.80 24.09
N PHE D 19 -1.32 -24.49 25.16
CA PHE D 19 -2.69 -24.38 25.68
C PHE D 19 -2.74 -23.73 27.06
N LYS D 20 -3.95 -23.46 27.53
CA LYS D 20 -4.13 -22.83 28.83
C LYS D 20 -5.56 -22.28 28.92
N PRO D 21 -6.54 -23.12 29.33
CA PRO D 21 -7.95 -22.69 29.44
C PRO D 21 -8.12 -21.47 30.37
N LEU D 22 -8.70 -20.40 29.84
CA LEU D 22 -8.86 -19.15 30.59
C LEU D 22 -10.14 -18.97 31.40
N VAL D 23 -11.27 -19.43 30.89
CA VAL D 23 -12.51 -19.28 31.64
C VAL D 23 -13.51 -20.40 31.38
N THR D 24 -14.02 -20.97 32.47
CA THR D 24 -14.97 -22.04 32.37
C THR D 24 -16.26 -21.66 33.07
N LEU D 25 -17.37 -22.21 32.58
CA LEU D 25 -18.67 -21.94 33.16
C LEU D 25 -18.91 -22.95 34.27
N GLN D 26 -18.57 -22.56 35.49
CA GLN D 26 -18.72 -23.43 36.65
C GLN D 26 -20.20 -23.65 36.96
N LYS D 27 -20.45 -24.67 37.78
CA LYS D 27 -21.81 -25.02 38.19
C LYS D 27 -22.67 -23.77 38.47
N GLU D 28 -23.93 -23.82 38.04
CA GLU D 28 -24.88 -22.73 38.26
C GLU D 28 -24.60 -21.48 37.42
N ARG D 29 -24.24 -21.69 36.15
CA ARG D 29 -23.96 -20.59 35.23
C ARG D 29 -23.19 -19.45 35.93
N LYS D 30 -21.98 -19.78 36.36
CA LYS D 30 -21.10 -18.84 37.04
C LYS D 30 -19.72 -18.96 36.40
N LEU D 31 -19.42 -18.07 35.46
CA LEU D 31 -18.14 -18.08 34.77
C LEU D 31 -16.98 -17.88 35.76
N GLU D 32 -15.99 -18.77 35.69
CA GLU D 32 -14.84 -18.68 36.59
C GLU D 32 -13.53 -18.44 35.89
N LEU D 33 -12.67 -17.67 36.55
CA LEU D 33 -11.36 -17.32 36.03
C LEU D 33 -10.42 -18.53 35.92
N VAL D 34 -10.91 -19.70 36.35
CA VAL D 34 -10.17 -20.98 36.31
C VAL D 34 -8.80 -21.05 37.00
N ALA D 35 -8.53 -22.23 37.55
CA ALA D 35 -7.28 -22.51 38.26
C ALA D 35 -6.07 -22.11 37.44
N ARG D 36 -5.56 -20.91 37.69
CA ARG D 36 -4.38 -20.37 36.98
C ARG D 36 -3.23 -21.34 36.68
N ARG D 37 -3.48 -22.28 35.75
CA ARG D 37 -2.52 -23.28 35.30
C ARG D 37 -1.36 -22.61 34.54
N LYS D 38 -0.67 -23.38 33.70
CA LYS D 38 0.46 -22.82 32.94
C LYS D 38 0.52 -23.35 31.51
N TRP D 39 1.15 -22.58 30.64
CA TRP D 39 1.26 -22.95 29.24
C TRP D 39 1.90 -24.32 29.06
N LYS D 40 1.29 -25.14 28.21
CA LYS D 40 1.83 -26.47 27.94
C LYS D 40 1.52 -26.95 26.51
N GLN D 41 2.59 -27.15 25.71
CA GLN D 41 2.45 -27.59 24.32
C GLN D 41 1.46 -28.73 24.08
N TYR D 42 1.16 -28.96 22.80
CA TYR D 42 0.22 -29.99 22.38
C TYR D 42 0.16 -30.08 20.88
N TRP D 43 0.21 -31.30 20.35
CA TRP D 43 0.08 -31.48 18.92
C TRP D 43 -1.42 -31.51 18.72
N VAL D 44 -1.99 -30.41 18.23
CA VAL D 44 -3.43 -30.31 18.04
C VAL D 44 -3.89 -30.57 16.62
N THR D 45 -5.05 -31.21 16.50
CA THR D 45 -5.59 -31.52 15.18
C THR D 45 -7.06 -31.19 15.04
N LEU D 46 -7.36 -30.33 14.07
CA LEU D 46 -8.73 -29.94 13.81
C LEU D 46 -9.33 -30.91 12.82
N LYS D 47 -10.12 -31.83 13.34
CA LYS D 47 -10.79 -32.81 12.51
C LYS D 47 -12.26 -32.40 12.55
N GLY D 48 -12.83 -32.17 11.37
CA GLY D 48 -14.22 -31.76 11.29
C GLY D 48 -14.45 -30.44 12.01
N CYS D 49 -14.86 -30.53 13.27
CA CYS D 49 -15.11 -29.34 14.08
C CYS D 49 -14.76 -29.63 15.54
N THR D 50 -13.76 -30.49 15.72
CA THR D 50 -13.30 -30.87 17.05
C THR D 50 -11.78 -30.82 17.16
N LEU D 51 -11.31 -30.28 18.28
CA LEU D 51 -9.89 -30.15 18.52
C LEU D 51 -9.32 -31.23 19.42
N LEU D 52 -8.62 -32.20 18.83
CA LEU D 52 -8.03 -33.29 19.57
C LEU D 52 -6.60 -32.93 19.95
N PHE D 53 -6.26 -33.10 21.23
CA PHE D 53 -4.92 -32.77 21.71
C PHE D 53 -4.12 -34.02 21.97
N TYR D 54 -2.83 -33.98 21.66
CA TYR D 54 -1.95 -35.12 21.89
C TYR D 54 -0.72 -34.66 22.63
N GLU D 55 -0.15 -35.54 23.46
CA GLU D 55 1.03 -35.20 24.25
C GLU D 55 2.32 -35.42 23.46
N THR D 56 2.28 -36.38 22.56
CA THR D 56 3.45 -36.71 21.76
C THR D 56 3.13 -36.71 20.26
N TYR D 57 4.08 -36.23 19.47
CA TYR D 57 3.97 -36.14 18.02
C TYR D 57 3.06 -37.22 17.43
N SER D 66 -0.53 -42.23 20.95
CA SER D 66 -1.62 -42.14 19.97
C SER D 66 -2.98 -41.96 20.67
N ALA D 67 -2.94 -41.58 21.94
CA ALA D 67 -4.16 -41.38 22.72
C ALA D 67 -4.39 -39.89 23.01
N PRO D 68 -5.55 -39.37 22.61
CA PRO D 68 -5.91 -37.95 22.82
C PRO D 68 -5.96 -37.56 24.30
N ARG D 69 -4.99 -36.77 24.76
CA ARG D 69 -4.97 -36.34 26.17
C ARG D 69 -6.32 -35.74 26.54
N CYS D 70 -6.88 -34.96 25.61
CA CYS D 70 -8.18 -34.33 25.80
C CYS D 70 -8.69 -33.75 24.48
N ALA D 71 -10.00 -33.82 24.27
CA ALA D 71 -10.61 -33.30 23.05
C ALA D 71 -11.36 -32.01 23.35
N LEU D 72 -11.74 -31.29 22.30
CA LEU D 72 -12.45 -30.02 22.44
C LEU D 72 -13.33 -29.72 21.23
N PHE D 73 -14.63 -29.63 21.47
CA PHE D 73 -15.61 -29.36 20.43
C PHE D 73 -15.74 -27.86 20.30
N ALA D 74 -15.78 -27.37 19.06
CA ALA D 74 -15.86 -25.93 18.84
C ALA D 74 -16.92 -25.46 17.87
N GLU D 75 -18.06 -26.12 17.84
CA GLU D 75 -19.12 -25.69 16.95
C GLU D 75 -19.53 -24.28 17.36
N ASP D 76 -19.83 -23.45 16.36
CA ASP D 76 -20.24 -22.08 16.61
C ASP D 76 -19.37 -21.36 17.64
N SER D 77 -18.06 -21.42 17.42
CA SER D 77 -17.09 -20.76 18.30
C SER D 77 -16.61 -19.44 17.69
N ILE D 78 -15.90 -18.67 18.49
CA ILE D 78 -15.38 -17.40 18.02
C ILE D 78 -13.93 -17.29 18.42
N VAL D 79 -13.06 -17.35 17.42
CA VAL D 79 -11.63 -17.22 17.67
C VAL D 79 -11.19 -15.78 17.45
N GLN D 80 -10.40 -15.26 18.38
CA GLN D 80 -9.89 -13.89 18.33
C GLN D 80 -8.42 -13.77 18.71
N SER D 81 -7.67 -13.03 17.92
CA SER D 81 -6.25 -12.86 18.22
C SER D 81 -6.10 -12.05 19.50
N VAL D 82 -4.94 -12.14 20.12
CA VAL D 82 -4.71 -11.42 21.36
C VAL D 82 -3.33 -10.78 21.36
N PRO D 83 -3.04 -9.99 20.33
CA PRO D 83 -1.73 -9.36 20.32
C PRO D 83 -1.43 -8.45 21.51
N GLU D 84 -2.47 -7.80 22.05
CA GLU D 84 -2.22 -6.91 23.18
C GLU D 84 -1.66 -7.67 24.37
N HIS D 85 -1.69 -8.99 24.28
CA HIS D 85 -1.20 -9.83 25.36
C HIS D 85 0.13 -9.32 25.95
N PRO D 86 0.24 -9.30 27.29
CA PRO D 86 1.42 -8.84 28.03
C PRO D 86 2.74 -9.57 27.81
N LYS D 87 2.80 -10.81 28.26
CA LYS D 87 4.02 -11.62 28.14
C LYS D 87 4.34 -12.13 26.73
N LYS D 88 3.71 -13.22 26.33
CA LYS D 88 3.93 -13.85 25.03
C LYS D 88 3.23 -13.20 23.84
N GLU D 89 3.62 -13.61 22.63
CA GLU D 89 3.02 -13.10 21.40
C GLU D 89 2.32 -14.22 20.68
N HIS D 90 1.76 -13.94 19.52
CA HIS D 90 1.06 -14.94 18.73
C HIS D 90 -0.03 -15.66 19.49
N VAL D 91 -0.63 -14.94 20.44
CA VAL D 91 -1.70 -15.52 21.24
C VAL D 91 -3.03 -15.40 20.53
N PHE D 92 -3.88 -16.40 20.70
CA PHE D 92 -5.19 -16.31 20.11
C PHE D 92 -6.15 -17.06 20.99
N CYS D 93 -7.27 -16.41 21.31
CA CYS D 93 -8.29 -16.97 22.19
C CYS D 93 -9.57 -17.47 21.52
N LEU D 94 -9.98 -18.67 21.91
CA LEU D 94 -11.19 -19.27 21.37
C LEU D 94 -12.26 -19.33 22.44
N SER D 95 -13.50 -19.11 22.02
CA SER D 95 -14.66 -19.16 22.91
C SER D 95 -15.75 -19.97 22.23
N ASN D 96 -16.09 -21.14 22.78
CA ASN D 96 -17.13 -22.00 22.20
C ASN D 96 -18.52 -21.66 22.69
N SER D 97 -19.54 -22.22 22.05
CA SER D 97 -20.91 -21.96 22.45
C SER D 97 -21.23 -22.71 23.73
N CYS D 98 -20.54 -22.36 24.82
CA CYS D 98 -20.76 -23.00 26.12
C CYS D 98 -20.25 -22.15 27.27
N GLY D 99 -19.91 -20.90 26.99
CA GLY D 99 -19.42 -20.03 28.03
C GLY D 99 -17.99 -20.37 28.44
N ASP D 100 -17.30 -21.11 27.59
CA ASP D 100 -15.93 -21.49 27.85
C ASP D 100 -14.95 -20.65 27.05
N VAL D 101 -13.75 -20.50 27.59
CA VAL D 101 -12.69 -19.72 26.96
C VAL D 101 -11.32 -20.38 27.14
N TYR D 102 -10.56 -20.45 26.06
CA TYR D 102 -9.24 -21.06 26.12
C TYR D 102 -8.24 -20.15 25.43
N LEU D 103 -6.95 -20.41 25.66
CA LEU D 103 -5.89 -19.62 25.06
C LEU D 103 -4.91 -20.52 24.31
N PHE D 104 -4.30 -20.00 23.25
CA PHE D 104 -3.35 -20.78 22.46
C PHE D 104 -2.21 -19.88 22.04
N GLN D 105 -1.14 -20.49 21.55
CA GLN D 105 0.04 -19.76 21.06
C GLN D 105 0.51 -20.49 19.80
N ALA D 106 0.54 -19.76 18.69
CA ALA D 106 0.94 -20.36 17.43
C ALA D 106 2.42 -20.14 17.19
N THR D 107 2.94 -20.91 16.24
CA THR D 107 4.35 -20.84 15.88
C THR D 107 4.67 -19.40 15.45
N SER D 108 3.98 -18.92 14.41
CA SER D 108 4.17 -17.57 13.90
C SER D 108 2.82 -16.88 13.72
N GLN D 109 2.88 -15.57 13.49
CA GLN D 109 1.67 -14.80 13.28
C GLN D 109 0.86 -15.45 12.16
N THR D 110 1.57 -15.95 11.15
CA THR D 110 0.90 -16.57 10.02
C THR D 110 0.26 -17.88 10.40
N ASP D 111 0.91 -18.61 11.32
CA ASP D 111 0.38 -19.89 11.76
C ASP D 111 -0.97 -19.59 12.39
N LEU D 112 -0.96 -18.65 13.33
CA LEU D 112 -2.18 -18.23 14.02
C LEU D 112 -3.28 -17.92 13.02
N GLU D 113 -2.95 -17.09 12.04
CA GLU D 113 -3.94 -16.74 11.05
C GLU D 113 -4.51 -17.96 10.35
N ASN D 114 -3.69 -18.99 10.12
CA ASN D 114 -4.23 -20.20 9.49
C ASN D 114 -5.14 -20.93 10.48
N TRP D 115 -4.67 -21.04 11.72
CA TRP D 115 -5.40 -21.70 12.78
C TRP D 115 -6.76 -21.05 12.96
N VAL D 116 -6.76 -19.74 13.03
CA VAL D 116 -8.01 -19.02 13.21
C VAL D 116 -8.92 -19.37 12.06
N THR D 117 -8.42 -19.13 10.87
CA THR D 117 -9.17 -19.39 9.66
C THR D 117 -9.73 -20.81 9.56
N ALA D 118 -8.96 -21.80 9.98
CA ALA D 118 -9.40 -23.18 9.92
C ALA D 118 -10.54 -23.44 10.90
N ILE D 119 -10.33 -23.06 12.16
CA ILE D 119 -11.33 -23.22 13.19
C ILE D 119 -12.67 -22.60 12.74
N HIS D 120 -12.64 -21.33 12.31
CA HIS D 120 -13.86 -20.64 11.86
C HIS D 120 -14.45 -21.33 10.66
N SER D 121 -13.61 -21.71 9.71
CA SER D 121 -14.06 -22.41 8.52
C SER D 121 -14.87 -23.64 8.90
N ALA D 122 -14.30 -24.44 9.81
CA ALA D 122 -14.96 -25.66 10.29
C ALA D 122 -16.32 -25.40 10.93
N CYS D 123 -16.45 -24.27 11.61
CA CYS D 123 -17.71 -23.92 12.26
C CYS D 123 -18.71 -23.47 11.21
N ALA D 124 -18.22 -22.71 10.24
CA ALA D 124 -19.04 -22.19 9.16
C ALA D 124 -19.53 -23.32 8.27
N SER D 125 -18.80 -24.43 8.25
CA SER D 125 -19.23 -25.55 7.44
C SER D 125 -20.32 -26.28 8.23
N LEU D 126 -19.97 -26.71 9.43
CA LEU D 126 -20.89 -27.41 10.30
C LEU D 126 -22.21 -26.66 10.46
N PHE D 127 -22.13 -25.33 10.54
CA PHE D 127 -23.29 -24.48 10.70
C PHE D 127 -24.15 -24.52 9.44
N ALA D 128 -23.51 -24.43 8.28
CA ALA D 128 -24.22 -24.45 7.01
C ALA D 128 -24.85 -25.83 6.82
N LYS D 129 -24.14 -26.86 7.27
CA LYS D 129 -24.62 -28.22 7.17
C LYS D 129 -25.80 -28.37 8.10
N LYS D 130 -25.60 -28.13 9.39
CA LYS D 130 -26.67 -28.26 10.36
C LYS D 130 -27.93 -27.49 9.96
N HIS D 131 -27.79 -26.56 9.02
CA HIS D 131 -28.90 -25.76 8.56
C HIS D 131 -29.38 -26.24 7.22
N GLY D 132 -29.10 -27.51 6.94
CA GLY D 132 -29.51 -28.12 5.68
C GLY D 132 -29.22 -27.28 4.45
N LYS D 133 -28.16 -26.50 4.48
CA LYS D 133 -27.81 -25.67 3.32
C LYS D 133 -26.47 -26.07 2.75
N GLU D 134 -26.31 -25.89 1.45
CA GLU D 134 -25.07 -26.27 0.80
C GLU D 134 -24.14 -25.09 0.61
N ASP D 135 -24.64 -24.00 0.03
CA ASP D 135 -23.81 -22.83 -0.17
C ASP D 135 -23.75 -22.05 1.13
N THR D 136 -22.59 -22.06 1.78
CA THR D 136 -22.41 -21.38 3.05
C THR D 136 -22.39 -19.87 2.96
N VAL D 137 -21.57 -19.34 2.06
CA VAL D 137 -21.45 -17.89 1.92
C VAL D 137 -22.80 -17.21 1.72
N ARG D 138 -23.81 -17.98 1.30
CA ARG D 138 -25.14 -17.43 1.09
C ARG D 138 -25.83 -17.49 2.44
N LEU D 139 -25.73 -18.64 3.10
CA LEU D 139 -26.34 -18.86 4.42
C LEU D 139 -25.82 -17.83 5.40
N LEU D 140 -24.50 -17.69 5.48
CA LEU D 140 -23.91 -16.71 6.38
C LEU D 140 -24.45 -15.34 6.01
N LYS D 141 -24.24 -14.93 4.76
CA LYS D 141 -24.72 -13.63 4.31
C LYS D 141 -26.21 -13.42 4.63
N SER D 142 -26.98 -14.50 4.70
CA SER D 142 -28.39 -14.35 5.04
C SER D 142 -28.45 -13.93 6.49
N GLN D 143 -27.99 -14.81 7.36
CA GLN D 143 -27.96 -14.56 8.79
C GLN D 143 -27.74 -13.10 9.13
N THR D 144 -26.62 -12.55 8.63
CA THR D 144 -26.30 -11.16 8.90
C THR D 144 -27.50 -10.27 8.62
N ARG D 145 -28.00 -10.30 7.38
CA ARG D 145 -29.14 -9.48 7.02
C ARG D 145 -30.36 -9.80 7.88
N SER D 146 -30.52 -11.06 8.26
CA SER D 146 -31.63 -11.44 9.10
C SER D 146 -31.42 -10.86 10.51
N LEU D 147 -30.24 -11.13 11.07
CA LEU D 147 -29.89 -10.63 12.40
C LEU D 147 -30.01 -9.12 12.52
N LEU D 148 -29.54 -8.41 11.51
CA LEU D 148 -29.61 -6.96 11.50
C LEU D 148 -31.05 -6.56 11.65
N GLN D 149 -31.93 -7.23 10.90
CA GLN D 149 -33.35 -6.95 10.96
C GLN D 149 -33.87 -7.26 12.36
N LYS D 150 -33.59 -8.48 12.83
CA LYS D 150 -34.02 -8.86 14.17
C LYS D 150 -33.48 -7.85 15.19
N ILE D 151 -32.26 -7.37 15.00
CA ILE D 151 -31.67 -6.39 15.93
C ILE D 151 -32.46 -5.09 15.87
N ASP D 152 -32.76 -4.63 14.67
CA ASP D 152 -33.53 -3.40 14.52
C ASP D 152 -34.90 -3.55 15.17
N MET D 153 -35.48 -4.74 15.04
CA MET D 153 -36.80 -5.03 15.63
C MET D 153 -36.76 -4.84 17.14
N ASP D 154 -36.15 -5.78 17.86
CA ASP D 154 -36.07 -5.66 19.31
C ASP D 154 -35.46 -4.31 19.69
N SER D 155 -34.59 -3.76 18.84
CA SER D 155 -33.99 -2.47 19.15
C SER D 155 -35.11 -1.45 19.40
N LYS D 156 -36.13 -1.49 18.55
CA LYS D 156 -37.27 -0.59 18.69
C LYS D 156 -38.15 -1.01 19.86
N MET D 157 -38.30 -2.31 20.06
CA MET D 157 -39.11 -2.82 21.16
C MET D 157 -38.63 -2.22 22.45
N LYS D 158 -37.33 -2.31 22.68
CA LYS D 158 -36.78 -1.74 23.89
C LYS D 158 -37.13 -0.25 23.91
N LYS D 159 -36.76 0.46 22.85
CA LYS D 159 -37.03 1.88 22.78
C LYS D 159 -38.50 2.21 22.99
N MET D 160 -39.37 1.20 22.94
CA MET D 160 -40.81 1.36 23.16
C MET D 160 -40.96 1.58 24.64
N ALA D 161 -40.94 0.47 25.37
CA ALA D 161 -41.05 0.47 26.82
C ALA D 161 -40.34 1.67 27.47
N GLU D 162 -39.17 2.01 26.96
CA GLU D 162 -38.42 3.14 27.49
C GLU D 162 -39.22 4.43 27.40
N LEU D 163 -39.34 4.97 26.19
CA LEU D 163 -40.08 6.22 25.99
C LEU D 163 -41.54 5.93 26.20
N GLN D 164 -41.81 5.31 27.35
CA GLN D 164 -43.14 4.92 27.79
C GLN D 164 -43.09 4.75 29.31
N LEU D 165 -42.22 3.86 29.77
CA LEU D 165 -42.07 3.64 31.21
C LEU D 165 -41.50 4.92 31.83
N SER D 166 -40.90 5.75 30.98
CA SER D 166 -40.36 7.00 31.45
C SER D 166 -41.53 7.96 31.28
N VAL D 167 -42.66 7.58 31.87
CA VAL D 167 -43.90 8.33 31.84
C VAL D 167 -44.74 7.85 33.00
N VAL D 168 -44.87 6.52 33.11
CA VAL D 168 -45.64 5.90 34.20
C VAL D 168 -44.78 5.87 35.48
N SER D 169 -44.83 6.97 36.21
CA SER D 169 -44.07 7.15 37.45
C SER D 169 -44.69 6.42 38.64
N ASP D 170 -45.59 5.47 38.36
CA ASP D 170 -46.26 4.68 39.39
C ASP D 170 -45.30 3.55 39.78
N PRO D 171 -44.48 3.75 40.84
CA PRO D 171 -43.52 2.72 41.29
C PRO D 171 -44.09 1.29 41.31
N LYS D 172 -45.40 1.20 41.08
CA LYS D 172 -46.14 -0.04 41.02
C LYS D 172 -45.57 -0.93 39.90
N ASN D 173 -45.84 -0.55 38.65
CA ASN D 173 -45.38 -1.29 37.48
C ASN D 173 -44.05 -0.72 36.98
N ARG D 174 -43.58 0.36 37.62
CA ARG D 174 -42.32 1.00 37.24
C ARG D 174 -41.24 -0.05 37.05
N LYS D 175 -41.06 -0.89 38.06
CA LYS D 175 -40.07 -1.95 38.00
C LYS D 175 -40.54 -3.02 37.02
N ALA D 176 -41.81 -3.39 37.10
CA ALA D 176 -42.39 -4.42 36.23
C ALA D 176 -41.99 -4.27 34.76
N ILE D 177 -41.97 -3.03 34.27
CA ILE D 177 -41.58 -2.74 32.88
C ILE D 177 -40.08 -2.95 32.74
N GLU D 178 -39.33 -2.28 33.61
CA GLU D 178 -37.87 -2.37 33.60
C GLU D 178 -37.30 -3.78 33.47
N ASN D 179 -38.14 -4.78 33.64
CA ASN D 179 -37.71 -6.18 33.55
C ASN D 179 -37.80 -6.66 32.12
N GLN D 180 -38.38 -5.83 31.27
CA GLN D 180 -38.52 -6.16 29.85
C GLN D 180 -37.42 -5.36 29.17
N ILE D 181 -37.15 -4.18 29.73
CA ILE D 181 -36.09 -3.33 29.17
C ILE D 181 -34.81 -4.15 29.33
N ARG D 182 -34.56 -4.59 30.56
CA ARG D 182 -33.37 -5.39 30.84
C ARG D 182 -33.38 -6.63 29.97
N GLN D 183 -34.57 -7.16 29.71
CA GLN D 183 -34.70 -8.33 28.86
C GLN D 183 -34.23 -8.05 27.43
N TRP D 184 -34.88 -7.11 26.75
CA TRP D 184 -34.50 -6.77 25.39
C TRP D 184 -33.03 -6.39 25.29
N GLU D 185 -32.58 -5.58 26.23
CA GLU D 185 -31.19 -5.16 26.23
C GLU D 185 -30.31 -6.39 26.08
N GLN D 186 -30.79 -7.52 26.63
CA GLN D 186 -30.04 -8.77 26.55
C GLN D 186 -30.23 -9.44 25.23
N ASN D 187 -31.47 -9.41 24.71
CA ASN D 187 -31.78 -10.01 23.41
C ASN D 187 -30.91 -9.35 22.33
N LEU D 188 -30.61 -8.08 22.59
CA LEU D 188 -29.80 -7.31 21.69
C LEU D 188 -28.34 -7.71 21.82
N GLU D 189 -27.89 -8.03 23.02
CA GLU D 189 -26.49 -8.46 23.20
C GLU D 189 -26.32 -9.80 22.50
N LYS D 190 -27.32 -10.68 22.66
CA LYS D 190 -27.27 -11.98 22.01
C LYS D 190 -27.17 -11.78 20.51
N PHE D 191 -28.03 -10.90 19.98
CA PHE D 191 -28.04 -10.64 18.54
C PHE D 191 -26.73 -10.11 17.98
N HIS D 192 -26.18 -9.10 18.63
CA HIS D 192 -24.91 -8.52 18.20
C HIS D 192 -23.77 -9.53 18.22
N MET D 193 -23.89 -10.51 19.11
CA MET D 193 -22.88 -11.55 19.27
C MET D 193 -22.94 -12.48 18.07
N ASP D 194 -24.12 -13.04 17.82
CA ASP D 194 -24.30 -13.92 16.68
C ASP D 194 -23.88 -13.20 15.41
N LEU D 195 -24.30 -11.94 15.27
CA LEU D 195 -23.92 -11.16 14.10
C LEU D 195 -22.40 -11.08 13.96
N PHE D 196 -21.71 -10.82 15.07
CA PHE D 196 -20.25 -10.72 15.06
C PHE D 196 -19.64 -12.03 14.60
N ARG D 197 -20.18 -13.14 15.10
CA ARG D 197 -19.69 -14.46 14.73
C ARG D 197 -19.88 -14.73 13.25
N MET D 198 -21.08 -14.43 12.75
CA MET D 198 -21.36 -14.63 11.36
C MET D 198 -20.31 -13.93 10.53
N ARG D 199 -20.02 -12.68 10.86
CA ARG D 199 -19.00 -11.91 10.13
C ARG D 199 -17.62 -12.52 10.27
N CYS D 200 -17.37 -13.18 11.39
CA CYS D 200 -16.09 -13.83 11.61
C CYS D 200 -15.95 -15.00 10.63
N TYR D 201 -17.02 -15.79 10.52
CA TYR D 201 -17.01 -16.93 9.61
C TYR D 201 -16.82 -16.42 8.22
N LEU D 202 -17.72 -15.55 7.80
CA LEU D 202 -17.64 -14.97 6.48
C LEU D 202 -16.18 -14.55 6.10
N ALA D 203 -15.55 -13.72 6.91
CA ALA D 203 -14.20 -13.26 6.61
C ALA D 203 -13.23 -14.42 6.54
N SER D 204 -13.38 -15.41 7.42
CA SER D 204 -12.48 -16.55 7.42
C SER D 204 -12.71 -17.49 6.24
N LEU D 205 -13.46 -17.04 5.25
CA LEU D 205 -13.71 -17.83 4.04
C LEU D 205 -13.35 -16.93 2.89
N GLN D 206 -13.99 -15.78 2.84
CA GLN D 206 -13.72 -14.81 1.79
C GLN D 206 -12.38 -14.10 2.02
N GLY D 207 -11.66 -14.52 3.05
CA GLY D 207 -10.37 -13.94 3.36
C GLY D 207 -10.30 -12.45 3.71
N GLY D 208 -11.44 -11.81 3.92
CA GLY D 208 -11.41 -10.40 4.28
C GLY D 208 -10.85 -10.24 5.68
N GLU D 209 -10.71 -9.02 6.17
CA GLU D 209 -10.20 -8.81 7.52
C GLU D 209 -11.29 -9.17 8.52
N LEU D 210 -10.89 -9.55 9.72
CA LEU D 210 -11.87 -9.92 10.73
C LEU D 210 -12.64 -8.72 11.30
N PRO D 211 -13.96 -8.88 11.47
CA PRO D 211 -14.82 -7.83 12.01
C PRO D 211 -14.18 -7.16 13.22
N ASN D 212 -14.30 -5.84 13.28
CA ASN D 212 -13.74 -5.10 14.40
C ASN D 212 -14.44 -5.47 15.69
N PRO D 213 -13.66 -5.88 16.69
CA PRO D 213 -14.20 -6.27 17.98
C PRO D 213 -14.70 -5.04 18.75
N LYS D 214 -13.94 -3.95 18.72
CA LYS D 214 -14.37 -2.77 19.45
C LYS D 214 -15.81 -2.41 19.12
N SER D 215 -16.22 -2.70 17.89
CA SER D 215 -17.59 -2.41 17.45
C SER D 215 -18.62 -3.28 18.15
N LEU D 216 -18.23 -4.48 18.56
CA LEU D 216 -19.14 -5.36 19.26
C LEU D 216 -19.22 -4.93 20.71
N LEU D 217 -18.07 -4.76 21.36
CA LEU D 217 -18.04 -4.34 22.74
C LEU D 217 -18.82 -3.06 22.93
N ALA D 218 -18.88 -2.25 21.88
CA ALA D 218 -19.62 -1.01 21.96
C ALA D 218 -21.09 -1.28 22.28
N ALA D 219 -21.50 -2.53 22.23
CA ALA D 219 -22.88 -2.86 22.51
C ALA D 219 -23.04 -3.63 23.81
N THR D 220 -22.11 -3.43 24.73
CA THR D 220 -22.20 -4.14 25.99
C THR D 220 -23.08 -3.38 26.98
N SER D 221 -24.09 -4.06 27.51
CA SER D 221 -24.98 -3.47 28.50
C SER D 221 -24.17 -3.12 29.72
N ARG D 222 -24.38 -1.92 30.27
CA ARG D 222 -23.64 -1.49 31.46
C ARG D 222 -23.60 -2.63 32.49
N PRO D 223 -24.71 -3.35 32.63
CA PRO D 223 -24.75 -4.46 33.59
C PRO D 223 -23.74 -5.53 33.18
N SER D 224 -23.88 -6.03 31.96
CA SER D 224 -22.97 -7.04 31.46
C SER D 224 -21.52 -6.59 31.57
N LYS D 225 -21.29 -5.30 31.44
CA LYS D 225 -19.93 -4.79 31.55
C LYS D 225 -19.37 -5.11 32.93
N LEU D 226 -20.07 -4.67 33.97
CA LEU D 226 -19.65 -4.91 35.34
C LEU D 226 -19.56 -6.39 35.56
N ALA D 227 -20.55 -7.10 35.05
CA ALA D 227 -20.61 -8.55 35.16
C ALA D 227 -19.26 -9.13 34.73
N LEU D 228 -18.83 -8.76 33.52
CA LEU D 228 -17.56 -9.23 32.99
C LEU D 228 -16.40 -8.47 33.63
N GLY D 229 -16.63 -7.97 34.85
CA GLY D 229 -15.58 -7.25 35.56
C GLY D 229 -14.83 -8.20 36.48
N ARG D 230 -15.57 -9.09 37.12
CA ARG D 230 -14.98 -10.06 38.02
C ARG D 230 -14.44 -11.21 37.20
N LEU D 231 -14.23 -10.97 35.92
CA LEU D 231 -13.71 -11.99 35.04
C LEU D 231 -12.56 -11.38 34.24
N GLY D 232 -11.58 -10.84 34.94
CA GLY D 232 -10.47 -10.22 34.26
C GLY D 232 -10.94 -8.91 33.64
N VAL D 233 -10.51 -8.64 32.40
CA VAL D 233 -10.92 -7.42 31.71
C VAL D 233 -12.02 -7.67 30.66
N LEU D 234 -12.54 -6.58 30.12
CA LEU D 234 -13.60 -6.62 29.13
C LEU D 234 -12.99 -7.01 27.81
N SER D 235 -13.48 -8.10 27.23
CA SER D 235 -12.99 -8.62 25.95
C SER D 235 -14.14 -9.18 25.13
N VAL D 236 -13.91 -9.37 23.85
CA VAL D 236 -14.95 -9.94 23.01
C VAL D 236 -15.15 -11.37 23.49
N SER D 237 -14.06 -12.12 23.61
CA SER D 237 -14.16 -13.50 24.03
C SER D 237 -14.97 -13.73 25.29
N SER D 238 -14.79 -12.87 26.31
CA SER D 238 -15.54 -13.05 27.57
C SER D 238 -17.01 -12.68 27.36
N PHE D 239 -17.26 -11.65 26.56
CA PHE D 239 -18.62 -11.21 26.26
C PHE D 239 -19.36 -12.40 25.68
N HIS D 240 -18.71 -13.08 24.74
CA HIS D 240 -19.29 -14.24 24.09
C HIS D 240 -19.64 -15.27 25.12
N ALA D 241 -18.72 -15.51 26.05
CA ALA D 241 -18.94 -16.47 27.11
C ALA D 241 -20.20 -16.05 27.86
N LEU D 242 -20.18 -14.82 28.36
CA LEU D 242 -21.30 -14.25 29.09
C LEU D 242 -22.64 -14.38 28.35
N VAL D 243 -22.62 -14.46 27.04
CA VAL D 243 -23.86 -14.59 26.30
C VAL D 243 -24.30 -16.05 26.19
N CYS D 244 -23.33 -16.94 26.04
CA CYS D 244 -23.64 -18.35 25.96
C CYS D 244 -24.23 -18.80 27.29
N SER D 245 -23.61 -18.33 28.37
CA SER D 245 -24.03 -18.66 29.73
C SER D 245 -25.52 -18.46 29.95
N ARG D 246 -26.12 -17.58 29.17
CA ARG D 246 -27.54 -17.29 29.29
C ARG D 246 -28.38 -18.25 28.43
N ASP D 247 -27.72 -18.99 27.54
CA ASP D 247 -28.42 -19.90 26.65
C ASP D 247 -28.81 -21.21 27.32
N ASP D 248 -29.99 -21.71 27.00
CA ASP D 248 -30.50 -22.96 27.56
C ASP D 248 -29.93 -24.17 26.82
#